data_5OGQ
#
_entry.id   5OGQ
#
_cell.length_a   82.390
_cell.length_b   82.390
_cell.length_c   99.390
_cell.angle_alpha   90.000
_cell.angle_beta   90.000
_cell.angle_gamma   120.000
#
_symmetry.space_group_name_H-M   'P 31'
#
loop_
_entity.id
_entity.type
_entity.pdbx_description
1 polymer 'Cathepsin B-like peptidase (C01 family)'
2 non-polymer 'ethyl 1-[[(2~{S})-3-(4-hydroxyphenyl)-1-oxidanylidene-1-[[(3~{S})-1-phenyl-5-pyridin-2-ylsulfonyl-pentan-3-yl]amino]propan-2-yl]carbamoyl]piperidine-4-carboxylate'
3 non-polymer 'ACETATE ION'
4 water water
#
_entity_poly.entity_id   1
_entity_poly.type   'polypeptide(L)'
_entity_poly.pdbx_seq_one_letter_code
;VEIPSSFDSRKKWPRCKSIATIRDQSRCGSCWAFGAVEAMSDRSCIQSGGKQNVELSAVDLLSCCESCGLGCEGGILGPA
WDYWVKEGIVTGSSKENHAGCEPYPFPKCEHHTKGKYPPCGSKIYKTPRCKQTCQKKYKTPYTQDKHRGKSSYNVKNDEK
AIQKEIMKYGPVEAGFTVYEDFLNYKSGIYKHITGETLGGHAIRIIGWGVENKAPYWLIANSWNEDWGENGYFRIVRGRD
ECSIESEVTAGRIN
;
_entity_poly.pdbx_strand_id   A,B,C
#
loop_
_chem_comp.id
_chem_comp.type
_chem_comp.name
_chem_comp.formula
9U8 non-polymer 'ethyl 1-[[(2~{S})-3-(4-hydroxyphenyl)-1-oxidanylidene-1-[[(3~{S})-1-phenyl-5-pyridin-2-ylsulfonyl-pentan-3-yl]amino]propan-2-yl]carbamoyl]piperidine-4-carboxylate' 'C34 H42 N4 O7 S'
ACT non-polymer 'ACETATE ION' 'C2 H3 O2 -1'
#
# COMPACT_ATOMS: atom_id res chain seq x y z
N VAL A 1 -20.50 -29.99 38.28
CA VAL A 1 -19.88 -28.68 38.64
C VAL A 1 -20.92 -27.56 38.55
N GLU A 2 -20.60 -26.43 39.19
CA GLU A 2 -21.43 -25.23 39.14
C GLU A 2 -21.10 -24.41 37.88
N ILE A 3 -22.17 -23.99 37.21
CA ILE A 3 -22.05 -23.14 36.05
C ILE A 3 -22.24 -21.67 36.44
N PRO A 4 -21.19 -20.88 36.32
CA PRO A 4 -21.35 -19.45 36.53
C PRO A 4 -22.28 -18.87 35.48
N SER A 5 -22.99 -17.83 35.87
CA SER A 5 -23.89 -17.10 34.99
C SER A 5 -23.13 -16.37 33.86
N SER A 6 -21.85 -16.10 34.06
CA SER A 6 -20.97 -15.59 33.02
CA SER A 6 -20.94 -15.55 33.03
C SER A 6 -19.60 -16.28 33.06
N PHE A 7 -19.00 -16.45 31.87
CA PHE A 7 -17.67 -17.01 31.73
C PHE A 7 -16.92 -16.48 30.48
N ASP A 8 -15.65 -16.12 30.65
CA ASP A 8 -14.83 -15.68 29.51
C ASP A 8 -13.55 -16.51 29.49
N SER A 9 -13.36 -17.28 28.42
CA SER A 9 -12.13 -18.06 28.28
C SER A 9 -10.85 -17.20 28.43
N ARG A 10 -10.92 -16.00 27.87
CA ARG A 10 -9.82 -15.01 27.93
C ARG A 10 -9.41 -14.69 29.36
N LYS A 11 -10.37 -14.59 30.26
CA LYS A 11 -10.12 -14.27 31.68
C LYS A 11 -9.65 -15.48 32.49
N LYS A 12 -10.09 -16.68 32.11
CA LYS A 12 -9.63 -17.90 32.80
C LYS A 12 -8.19 -18.21 32.43
N TRP A 13 -7.85 -18.03 31.16
CA TRP A 13 -6.53 -18.33 30.63
C TRP A 13 -5.89 -17.20 29.88
N PRO A 14 -5.50 -16.11 30.56
CA PRO A 14 -5.00 -14.96 29.76
C PRO A 14 -3.59 -15.16 29.16
N ARG A 15 -2.84 -16.15 29.65
CA ARG A 15 -1.54 -16.47 29.06
C ARG A 15 -1.64 -16.97 27.63
N CYS A 16 -2.81 -17.48 27.25
CA CYS A 16 -3.08 -18.02 25.92
C CYS A 16 -3.65 -16.92 25.05
N LYS A 17 -2.74 -16.22 24.38
CA LYS A 17 -3.03 -15.05 23.58
C LYS A 17 -3.98 -15.40 22.44
N SER A 18 -3.81 -16.58 21.87
CA SER A 18 -4.69 -17.08 20.82
C SER A 18 -6.19 -16.90 21.13
N ILE A 19 -6.60 -16.98 22.41
CA ILE A 19 -8.05 -16.84 22.72
C ILE A 19 -8.60 -15.46 22.42
N ALA A 20 -7.78 -14.43 22.60
CA ALA A 20 -8.14 -13.04 22.34
C ALA A 20 -7.70 -12.54 20.94
N THR A 21 -7.27 -13.49 20.10
CA THR A 21 -6.78 -13.24 18.75
C THR A 21 -7.91 -13.38 17.74
N ILE A 22 -8.31 -12.28 17.07
CA ILE A 22 -9.29 -12.35 15.98
C ILE A 22 -8.56 -12.49 14.63
N ARG A 23 -8.96 -13.47 13.83
CA ARG A 23 -8.34 -13.77 12.56
C ARG A 23 -9.15 -13.21 11.37
N ASP A 24 -8.63 -13.41 10.15
CA ASP A 24 -9.34 -13.05 8.90
C ASP A 24 -9.16 -14.11 7.81
N GLN A 25 -10.28 -14.76 7.50
CA GLN A 25 -10.34 -15.72 6.40
C GLN A 25 -10.18 -15.12 4.99
N SER A 26 -10.28 -13.79 4.85
CA SER A 26 -10.16 -13.10 3.57
C SER A 26 -11.27 -13.59 2.61
N ARG A 27 -10.98 -13.61 1.31
CA ARG A 27 -11.95 -13.93 0.24
C ARG A 27 -12.05 -15.43 0.00
N CYS A 28 -12.56 -16.13 0.99
CA CYS A 28 -12.49 -17.56 1.00
C CYS A 28 -13.53 -18.04 2.02
N GLY A 29 -14.26 -19.08 1.63
CA GLY A 29 -15.26 -19.68 2.53
C GLY A 29 -14.60 -20.64 3.46
N SER A 30 -13.42 -20.24 4.00
CA SER A 30 -12.62 -21.09 4.87
C SER A 30 -12.94 -20.98 6.37
N CYS A 31 -14.12 -20.44 6.73
CA CYS A 31 -14.60 -20.38 8.11
C CYS A 31 -14.46 -21.63 8.93
N TRP A 32 -14.94 -22.74 8.37
CA TRP A 32 -14.82 -24.06 8.95
C TRP A 32 -13.43 -24.37 9.47
N ALA A 33 -12.41 -23.98 8.71
CA ALA A 33 -11.01 -24.26 9.05
C ALA A 33 -10.45 -23.31 10.10
N PHE A 34 -10.92 -22.06 10.07
CA PHE A 34 -10.50 -21.00 10.99
C PHE A 34 -10.98 -21.27 12.39
N GLY A 35 -12.25 -21.65 12.47
CA GLY A 35 -12.85 -22.03 13.69
C GLY A 35 -12.16 -23.20 14.30
N ALA A 36 -11.65 -24.13 13.46
CA ALA A 36 -10.97 -25.32 13.90
C ALA A 36 -9.60 -24.96 14.47
N VAL A 37 -8.75 -24.33 13.65
CA VAL A 37 -7.39 -24.03 14.07
C VAL A 37 -7.35 -22.97 15.18
N GLU A 38 -8.36 -22.11 15.24
CA GLU A 38 -8.46 -21.17 16.37
C GLU A 38 -8.67 -21.86 17.70
N ALA A 39 -9.61 -22.78 17.76
CA ALA A 39 -9.96 -23.48 18.98
C ALA A 39 -8.88 -24.51 19.35
N MET A 40 -8.30 -25.14 18.34
CA MET A 40 -7.14 -26.01 18.50
C MET A 40 -5.96 -25.26 19.09
N SER A 41 -5.74 -24.04 18.63
CA SER A 41 -4.65 -23.18 19.13
C SER A 41 -4.86 -22.90 20.58
N ASP A 42 -6.08 -22.47 20.91
CA ASP A 42 -6.45 -22.19 22.29
C ASP A 42 -6.25 -23.45 23.15
N ARG A 43 -6.91 -24.52 22.76
CA ARG A 43 -6.83 -25.78 23.51
C ARG A 43 -5.44 -26.38 23.64
N SER A 44 -4.55 -26.15 22.68
CA SER A 44 -3.19 -26.61 22.77
C SER A 44 -2.47 -25.87 23.91
N CYS A 45 -2.65 -24.56 23.96
CA CYS A 45 -2.14 -23.74 25.09
C CYS A 45 -2.76 -24.07 26.45
N ILE A 46 -4.07 -24.24 26.50
CA ILE A 46 -4.78 -24.50 27.75
C ILE A 46 -4.34 -25.82 28.33
N GLN A 47 -4.27 -26.83 27.45
CA GLN A 47 -4.18 -28.21 27.88
C GLN A 47 -2.76 -28.74 27.98
N SER A 48 -1.80 -28.00 27.47
CA SER A 48 -0.38 -28.39 27.54
C SER A 48 0.39 -27.55 28.56
N GLY A 49 -0.34 -26.79 29.39
CA GLY A 49 0.26 -25.83 30.33
C GLY A 49 1.10 -24.71 29.71
N GLY A 50 0.88 -24.44 28.42
CA GLY A 50 1.64 -23.42 27.69
C GLY A 50 2.83 -23.97 26.94
N LYS A 51 3.18 -25.24 27.20
CA LYS A 51 4.23 -25.96 26.45
C LYS A 51 4.06 -25.82 24.94
N GLN A 52 2.82 -26.01 24.46
CA GLN A 52 2.42 -25.67 23.10
C GLN A 52 1.56 -24.41 23.08
N ASN A 53 2.18 -23.25 22.95
CA ASN A 53 1.47 -21.97 22.91
C ASN A 53 1.64 -21.33 21.52
N VAL A 54 0.83 -21.80 20.58
CA VAL A 54 1.07 -21.57 19.14
C VAL A 54 -0.10 -21.00 18.35
N GLU A 55 0.20 -20.43 17.19
CA GLU A 55 -0.84 -20.07 16.24
C GLU A 55 -0.86 -21.11 15.08
N LEU A 56 -1.77 -22.11 15.15
CA LEU A 56 -1.92 -23.19 14.13
C LEU A 56 -2.33 -22.67 12.74
N SER A 57 -1.82 -23.31 11.68
CA SER A 57 -1.94 -22.87 10.30
C SER A 57 -3.33 -23.15 9.76
N ALA A 58 -4.04 -22.09 9.41
CA ALA A 58 -5.32 -22.23 8.77
C ALA A 58 -5.15 -22.82 7.37
N VAL A 59 -4.18 -22.32 6.62
CA VAL A 59 -3.99 -22.80 5.26
C VAL A 59 -3.58 -24.26 5.22
N ASP A 60 -2.78 -24.70 6.19
CA ASP A 60 -2.38 -26.10 6.29
C ASP A 60 -3.59 -27.03 6.41
N LEU A 61 -4.59 -26.65 7.19
CA LEU A 61 -5.78 -27.50 7.28
C LEU A 61 -6.60 -27.38 5.98
N LEU A 62 -6.82 -26.14 5.53
CA LEU A 62 -7.61 -25.87 4.35
C LEU A 62 -7.17 -26.72 3.14
N SER A 63 -5.89 -26.68 2.82
CA SER A 63 -5.37 -27.22 1.56
C SER A 63 -5.06 -28.71 1.62
N CYS A 64 -4.73 -29.23 2.79
CA CYS A 64 -4.26 -30.62 2.91
C CYS A 64 -5.33 -31.67 3.30
N CYS A 65 -6.33 -31.30 4.12
CA CYS A 65 -7.39 -32.25 4.47
C CYS A 65 -8.24 -32.53 3.24
N GLU A 66 -8.16 -33.77 2.78
CA GLU A 66 -8.93 -34.20 1.62
C GLU A 66 -10.35 -34.49 2.05
N SER A 67 -10.50 -34.95 3.29
CA SER A 67 -11.78 -35.41 3.83
C SER A 67 -12.62 -34.29 4.47
N CYS A 68 -12.27 -33.04 4.25
CA CYS A 68 -12.88 -31.89 4.92
C CYS A 68 -13.80 -31.01 4.06
N GLY A 69 -14.08 -31.43 2.82
CA GLY A 69 -15.05 -30.75 1.95
C GLY A 69 -14.51 -30.04 0.71
N LEU A 70 -15.03 -28.84 0.47
CA LEU A 70 -14.82 -28.07 -0.74
C LEU A 70 -13.90 -26.88 -0.52
N GLY A 71 -13.06 -26.95 0.52
CA GLY A 71 -12.08 -25.90 0.82
C GLY A 71 -12.61 -24.48 0.94
N CYS A 72 -12.15 -23.59 0.06
CA CYS A 72 -12.64 -22.21 0.06
C CYS A 72 -14.12 -22.07 -0.30
N GLU A 73 -14.71 -23.12 -0.87
CA GLU A 73 -16.14 -23.21 -1.20
C GLU A 73 -16.98 -23.93 -0.10
N GLY A 74 -16.41 -24.13 1.07
CA GLY A 74 -17.15 -24.72 2.23
C GLY A 74 -16.61 -26.02 2.79
N GLY A 75 -16.75 -26.21 4.10
CA GLY A 75 -16.21 -27.40 4.73
C GLY A 75 -16.99 -28.02 5.86
N ILE A 76 -16.45 -29.16 6.30
CA ILE A 76 -17.08 -30.07 7.24
C ILE A 76 -16.26 -30.05 8.52
N LEU A 77 -16.96 -29.80 9.61
CA LEU A 77 -16.36 -29.45 10.89
C LEU A 77 -15.70 -30.69 11.58
N GLY A 78 -16.46 -31.76 11.73
CA GLY A 78 -15.99 -32.99 12.39
C GLY A 78 -14.76 -33.57 11.76
N PRO A 79 -14.71 -33.60 10.42
CA PRO A 79 -13.52 -34.00 9.67
C PRO A 79 -12.26 -33.16 9.94
N ALA A 80 -12.43 -31.87 10.24
CA ALA A 80 -11.28 -31.00 10.51
C ALA A 80 -10.58 -31.34 11.83
N TRP A 81 -11.38 -31.67 12.84
CA TRP A 81 -10.86 -32.11 14.14
C TRP A 81 -10.28 -33.54 14.04
N ASP A 82 -10.89 -34.39 13.22
CA ASP A 82 -10.32 -35.72 12.92
C ASP A 82 -8.94 -35.64 12.26
N TYR A 83 -8.73 -34.68 11.33
CA TYR A 83 -7.48 -34.51 10.62
C TYR A 83 -6.39 -34.02 11.60
N TRP A 84 -6.81 -33.17 12.53
CA TRP A 84 -5.92 -32.61 13.53
C TRP A 84 -5.43 -33.73 14.43
N VAL A 85 -6.34 -34.62 14.80
CA VAL A 85 -5.99 -35.84 15.53
C VAL A 85 -5.02 -36.77 14.78
N LYS A 86 -5.31 -37.02 13.49
CA LYS A 86 -4.65 -38.08 12.70
C LYS A 86 -3.33 -37.68 12.03
N GLU A 87 -3.30 -36.50 11.43
CA GLU A 87 -2.11 -35.96 10.78
C GLU A 87 -1.48 -34.82 11.60
N GLY A 88 -2.31 -34.07 12.31
CA GLY A 88 -1.88 -32.85 12.97
C GLY A 88 -1.86 -31.70 11.99
N ILE A 89 -1.63 -30.50 12.54
CA ILE A 89 -1.59 -29.25 11.79
C ILE A 89 -0.35 -28.47 12.24
N VAL A 90 0.30 -27.80 11.28
CA VAL A 90 1.51 -26.98 11.59
C VAL A 90 1.17 -25.58 12.05
N THR A 91 2.17 -24.88 12.55
CA THR A 91 2.01 -23.47 12.89
C THR A 91 1.99 -22.63 11.62
N GLY A 92 1.45 -21.43 11.75
CA GLY A 92 1.33 -20.51 10.65
C GLY A 92 0.37 -19.37 10.98
N SER A 93 0.79 -18.14 10.68
CA SER A 93 0.05 -16.93 11.09
C SER A 93 -0.72 -16.33 9.93
N SER A 94 -1.05 -15.05 10.08
CA SER A 94 -1.62 -14.28 9.00
C SER A 94 -0.57 -14.10 7.90
N LYS A 95 -1.05 -13.61 6.77
CA LYS A 95 -0.20 -13.22 5.65
C LYS A 95 0.64 -12.01 6.02
N GLU A 96 0.06 -11.15 6.86
CA GLU A 96 0.65 -9.87 7.23
C GLU A 96 1.80 -10.05 8.26
N ASN A 97 1.63 -11.01 9.17
CA ASN A 97 2.65 -11.32 10.17
C ASN A 97 3.64 -12.39 9.74
N HIS A 98 3.37 -13.07 8.62
CA HIS A 98 4.28 -14.05 8.00
C HIS A 98 5.12 -14.88 8.99
N ALA A 99 4.48 -15.40 10.02
CA ALA A 99 5.17 -16.20 11.03
C ALA A 99 4.76 -17.67 10.92
N GLY A 100 5.69 -18.54 11.30
CA GLY A 100 5.37 -19.95 11.45
C GLY A 100 5.67 -20.74 10.20
N CYS A 101 5.39 -22.04 10.27
CA CYS A 101 5.62 -22.94 9.14
C CYS A 101 4.90 -22.43 7.87
N GLU A 102 3.57 -22.34 7.92
CA GLU A 102 2.81 -21.98 6.72
C GLU A 102 1.80 -20.89 6.98
N PRO A 103 2.24 -19.60 6.83
CA PRO A 103 1.39 -18.43 6.93
C PRO A 103 0.24 -18.45 5.94
N TYR A 104 -0.78 -17.64 6.22
CA TYR A 104 -1.97 -17.62 5.38
C TYR A 104 -1.57 -16.96 4.08
N PRO A 105 -2.00 -17.52 2.94
CA PRO A 105 -1.63 -16.93 1.66
C PRO A 105 -2.46 -15.72 1.26
N PHE A 106 -3.59 -15.49 1.95
CA PHE A 106 -4.54 -14.44 1.55
C PHE A 106 -4.60 -13.23 2.49
N PRO A 107 -4.79 -12.05 1.90
CA PRO A 107 -4.73 -10.79 2.63
C PRO A 107 -6.04 -10.45 3.33
N LYS A 108 -5.95 -9.66 4.39
CA LYS A 108 -7.13 -9.24 5.15
C LYS A 108 -8.04 -8.33 4.35
N CYS A 109 -9.34 -8.42 4.61
CA CYS A 109 -10.32 -7.56 3.94
C CYS A 109 -11.58 -7.41 4.78
N GLU A 110 -12.39 -6.41 4.43
CA GLU A 110 -13.59 -6.08 5.21
C GLU A 110 -14.80 -6.87 4.73
N HIS A 111 -15.46 -7.54 5.67
CA HIS A 111 -16.61 -8.40 5.38
C HIS A 111 -17.89 -7.67 5.72
N HIS A 112 -18.56 -7.15 4.69
CA HIS A 112 -19.86 -6.49 4.81
C HIS A 112 -19.84 -5.41 5.86
N THR A 113 -18.71 -4.72 5.98
CA THR A 113 -18.57 -3.69 6.99
C THR A 113 -17.49 -2.69 6.61
N LYS A 114 -17.47 -1.60 7.36
CA LYS A 114 -16.54 -0.50 7.14
C LYS A 114 -15.26 -0.66 7.98
N GLY A 115 -14.16 -0.13 7.46
CA GLY A 115 -12.87 -0.17 8.16
C GLY A 115 -11.64 0.06 7.30
N LYS A 116 -10.49 -0.34 7.86
CA LYS A 116 -9.19 0.02 7.32
C LYS A 116 -8.63 -0.96 6.31
N TYR A 117 -9.32 -2.06 6.04
CA TYR A 117 -8.87 -2.97 5.01
C TYR A 117 -9.68 -2.70 3.75
N PRO A 118 -9.11 -2.99 2.58
CA PRO A 118 -9.93 -2.92 1.38
C PRO A 118 -11.14 -3.82 1.55
N PRO A 119 -12.26 -3.51 0.86
CA PRO A 119 -13.42 -4.42 0.92
C PRO A 119 -13.12 -5.82 0.38
N CYS A 120 -13.77 -6.83 0.96
CA CYS A 120 -13.60 -8.20 0.46
C CYS A 120 -14.25 -8.41 -0.89
N GLY A 121 -15.36 -7.73 -1.15
CA GLY A 121 -16.16 -7.99 -2.34
C GLY A 121 -16.76 -9.39 -2.31
N SER A 122 -17.17 -9.89 -3.48
CA SER A 122 -17.90 -11.17 -3.57
C SER A 122 -17.15 -12.29 -4.31
N LYS A 123 -15.92 -12.04 -4.72
CA LYS A 123 -15.14 -13.09 -5.37
C LYS A 123 -14.59 -14.05 -4.33
N ILE A 124 -14.27 -15.26 -4.77
CA ILE A 124 -13.72 -16.29 -3.90
C ILE A 124 -12.46 -16.88 -4.54
N TYR A 125 -11.35 -16.82 -3.80
CA TYR A 125 -10.11 -17.41 -4.26
C TYR A 125 -10.19 -18.92 -4.38
N LYS A 126 -9.26 -19.47 -5.17
CA LYS A 126 -9.12 -20.91 -5.32
C LYS A 126 -8.44 -21.48 -4.08
N THR A 127 -8.96 -22.59 -3.60
CA THR A 127 -8.33 -23.36 -2.53
C THR A 127 -6.84 -23.64 -2.76
N PRO A 128 -5.97 -23.14 -1.87
CA PRO A 128 -4.52 -23.28 -2.02
C PRO A 128 -4.05 -24.73 -2.11
N ARG A 129 -2.85 -24.92 -2.64
CA ARG A 129 -2.20 -26.23 -2.78
C ARG A 129 -1.67 -26.75 -1.44
N CYS A 130 -1.79 -28.05 -1.19
CA CYS A 130 -1.18 -28.66 -0.01
C CYS A 130 0.34 -28.71 -0.19
N LYS A 131 1.06 -28.00 0.65
CA LYS A 131 2.48 -27.72 0.39
C LYS A 131 3.47 -28.53 1.20
N GLN A 132 3.18 -28.76 2.47
CA GLN A 132 4.04 -29.60 3.30
C GLN A 132 5.52 -29.15 3.34
N THR A 133 5.74 -27.84 3.21
CA THR A 133 7.08 -27.26 3.26
C THR A 133 7.01 -25.89 3.90
N CYS A 134 7.56 -25.77 5.11
CA CYS A 134 7.58 -24.49 5.83
C CYS A 134 8.33 -23.41 5.04
N GLN A 135 7.90 -22.16 5.19
CA GLN A 135 8.64 -21.01 4.67
C GLN A 135 10.13 -21.07 5.07
N LYS A 136 10.98 -20.50 4.22
CA LYS A 136 12.45 -20.59 4.39
C LYS A 136 12.85 -19.98 5.72
N LYS A 137 12.20 -18.87 6.06
CA LYS A 137 12.46 -18.13 7.29
C LYS A 137 12.29 -18.97 8.57
N TYR A 138 11.42 -19.98 8.54
CA TYR A 138 11.06 -20.78 9.74
C TYR A 138 12.00 -22.00 9.87
N LYS A 139 12.30 -22.37 11.12
CA LYS A 139 13.43 -23.27 11.42
C LYS A 139 13.04 -24.61 12.02
N THR A 140 11.82 -25.07 11.71
CA THR A 140 11.38 -26.42 12.04
C THR A 140 10.92 -27.04 10.72
N PRO A 141 11.22 -28.34 10.49
CA PRO A 141 10.63 -28.93 9.27
C PRO A 141 9.14 -29.26 9.41
N TYR A 142 8.43 -29.19 8.29
CA TYR A 142 6.98 -29.38 8.24
C TYR A 142 6.49 -30.54 9.11
N THR A 143 6.95 -31.75 8.80
CA THR A 143 6.55 -32.94 9.54
C THR A 143 6.83 -32.82 11.06
N GLN A 144 7.88 -32.12 11.41
CA GLN A 144 8.23 -31.92 12.82
C GLN A 144 7.31 -30.89 13.50
N ASP A 145 6.86 -29.89 12.75
CA ASP A 145 6.00 -28.83 13.26
C ASP A 145 4.52 -29.24 13.45
N LYS A 146 4.18 -30.49 13.12
CA LYS A 146 2.82 -30.97 13.26
C LYS A 146 2.37 -31.00 14.73
N HIS A 147 1.29 -30.29 14.99
CA HIS A 147 0.69 -30.34 16.31
C HIS A 147 -0.58 -31.14 16.17
N ARG A 148 -0.61 -32.27 16.87
CA ARG A 148 -1.73 -33.20 16.83
C ARG A 148 -2.58 -33.07 18.09
N GLY A 149 -3.86 -33.41 17.95
CA GLY A 149 -4.76 -33.66 19.06
C GLY A 149 -4.87 -35.14 19.30
N LYS A 150 -5.42 -35.53 20.45
CA LYS A 150 -5.63 -36.93 20.76
C LYS A 150 -7.07 -37.41 20.59
N SER A 151 -8.03 -36.50 20.68
CA SER A 151 -9.43 -36.85 20.53
C SER A 151 -10.17 -35.80 19.70
N SER A 152 -11.34 -36.23 19.21
CA SER A 152 -12.19 -35.48 18.32
C SER A 152 -13.65 -35.89 18.61
N TYR A 153 -14.47 -34.94 19.04
CA TYR A 153 -15.84 -35.25 19.40
C TYR A 153 -16.87 -34.16 19.09
N ASN A 154 -18.13 -34.58 19.00
CA ASN A 154 -19.23 -33.63 18.96
C ASN A 154 -19.64 -33.37 20.38
N VAL A 155 -19.99 -32.14 20.66
CA VAL A 155 -20.58 -31.83 21.96
C VAL A 155 -22.07 -31.94 21.75
N LYS A 156 -22.75 -32.46 22.77
CA LYS A 156 -24.20 -32.54 22.83
C LYS A 156 -24.89 -31.18 22.63
N ASN A 157 -26.02 -31.20 21.91
CA ASN A 157 -26.89 -30.02 21.78
C ASN A 157 -27.64 -29.70 23.07
N ASP A 158 -26.89 -29.25 24.07
CA ASP A 158 -27.45 -28.90 25.37
C ASP A 158 -26.60 -27.75 25.88
N GLU A 159 -27.24 -26.60 26.04
CA GLU A 159 -26.64 -25.42 26.62
C GLU A 159 -25.65 -25.73 27.75
N LYS A 160 -26.11 -26.49 28.74
CA LYS A 160 -25.35 -26.77 29.96
C LYS A 160 -24.13 -27.64 29.66
N ALA A 161 -24.25 -28.61 28.75
CA ALA A 161 -23.09 -29.37 28.28
C ALA A 161 -22.05 -28.53 27.56
N ILE A 162 -22.49 -27.52 26.82
CA ILE A 162 -21.56 -26.70 26.04
C ILE A 162 -20.74 -25.83 26.97
N GLN A 163 -21.44 -25.24 27.94
CA GLN A 163 -20.86 -24.42 29.02
C GLN A 163 -19.76 -25.09 29.83
N LYS A 164 -20.01 -26.33 30.25
CA LYS A 164 -19.06 -27.13 31.03
C LYS A 164 -17.86 -27.55 30.17
N GLU A 165 -18.12 -27.91 28.93
CA GLU A 165 -17.07 -28.22 27.99
C GLU A 165 -16.10 -27.05 27.78
N ILE A 166 -16.61 -25.84 27.52
CA ILE A 166 -15.76 -24.65 27.26
C ILE A 166 -14.97 -24.30 28.51
N MET A 167 -15.66 -24.38 29.65
CA MET A 167 -15.11 -23.91 30.90
C MET A 167 -14.02 -24.85 31.39
N LYS A 168 -14.22 -26.16 31.19
CA LYS A 168 -13.19 -27.20 31.50
C LYS A 168 -12.08 -27.28 30.44
N TYR A 169 -12.43 -27.34 29.15
CA TYR A 169 -11.45 -27.70 28.11
C TYR A 169 -11.07 -26.58 27.14
N GLY A 170 -11.83 -25.48 27.15
CA GLY A 170 -11.56 -24.35 26.29
C GLY A 170 -12.61 -24.13 25.23
N PRO A 171 -12.47 -23.00 24.46
CA PRO A 171 -13.31 -22.62 23.36
C PRO A 171 -13.53 -23.78 22.40
N VAL A 172 -14.71 -23.76 21.82
CA VAL A 172 -15.19 -24.75 20.89
C VAL A 172 -15.44 -24.11 19.55
N GLU A 173 -15.43 -24.95 18.53
CA GLU A 173 -15.98 -24.63 17.23
C GLU A 173 -17.54 -24.88 17.15
N ALA A 174 -18.26 -23.95 16.53
CA ALA A 174 -19.71 -24.08 16.38
C ALA A 174 -20.17 -23.64 14.99
N GLY A 175 -21.21 -24.31 14.53
CA GLY A 175 -21.96 -23.97 13.33
C GLY A 175 -23.27 -23.28 13.60
N PHE A 176 -23.58 -22.27 12.80
CA PHE A 176 -24.87 -21.57 12.78
C PHE A 176 -25.31 -21.11 11.38
N THR A 177 -26.60 -20.87 11.25
CA THR A 177 -27.24 -20.55 9.97
C THR A 177 -27.13 -19.02 9.78
N VAL A 178 -26.55 -18.60 8.67
CA VAL A 178 -26.51 -17.21 8.32
C VAL A 178 -27.80 -16.83 7.61
N TYR A 179 -28.54 -15.91 8.19
CA TYR A 179 -29.62 -15.24 7.48
C TYR A 179 -29.10 -13.84 7.04
N GLU A 180 -29.74 -13.27 6.02
CA GLU A 180 -29.28 -11.99 5.44
C GLU A 180 -29.06 -10.87 6.48
N ASP A 181 -29.85 -10.84 7.54
CA ASP A 181 -29.67 -9.78 8.56
C ASP A 181 -28.39 -9.87 9.40
N PHE A 182 -27.76 -11.05 9.50
CA PHE A 182 -26.49 -11.20 10.21
C PHE A 182 -25.39 -10.36 9.56
N LEU A 183 -25.43 -10.23 8.22
CA LEU A 183 -24.42 -9.50 7.46
C LEU A 183 -24.45 -7.99 7.72
N ASN A 184 -25.50 -7.53 8.40
CA ASN A 184 -25.64 -6.14 8.85
C ASN A 184 -25.41 -5.94 10.35
N TYR A 185 -24.86 -6.98 11.01
CA TYR A 185 -24.64 -6.93 12.44
C TYR A 185 -23.56 -5.93 12.73
N LYS A 186 -23.82 -5.02 13.65
CA LYS A 186 -22.77 -4.08 14.10
C LYS A 186 -22.38 -4.35 15.54
N SER A 187 -23.38 -4.62 16.38
CA SER A 187 -23.22 -4.76 17.82
C SER A 187 -24.50 -5.26 18.44
N GLY A 188 -24.42 -5.64 19.71
CA GLY A 188 -25.54 -6.21 20.48
C GLY A 188 -25.61 -7.73 20.54
N ILE A 189 -26.71 -8.26 21.06
CA ILE A 189 -26.96 -9.70 21.08
C ILE A 189 -27.79 -10.10 19.87
N TYR A 190 -27.15 -10.73 18.89
CA TYR A 190 -27.80 -11.12 17.64
C TYR A 190 -28.89 -12.20 17.77
N LYS A 191 -29.97 -11.97 17.03
CA LYS A 191 -30.95 -13.01 16.76
C LYS A 191 -31.57 -12.70 15.41
N HIS A 192 -31.86 -13.75 14.64
CA HIS A 192 -32.57 -13.64 13.39
C HIS A 192 -33.97 -12.97 13.52
N ILE A 193 -34.15 -11.88 12.79
CA ILE A 193 -35.40 -11.07 12.78
C ILE A 193 -35.99 -11.05 11.38
N THR A 194 -35.13 -10.75 10.39
CA THR A 194 -35.49 -10.71 8.98
C THR A 194 -34.39 -11.29 8.10
N GLY A 195 -34.74 -11.67 6.87
CA GLY A 195 -33.75 -12.10 5.88
C GLY A 195 -33.90 -13.56 5.52
N GLU A 196 -33.51 -13.89 4.29
CA GLU A 196 -33.49 -15.26 3.77
C GLU A 196 -32.27 -16.03 4.32
N THR A 197 -32.42 -17.35 4.44
CA THR A 197 -31.27 -18.30 4.59
C THR A 197 -30.20 -18.10 3.50
N LEU A 198 -28.99 -17.75 3.92
CA LEU A 198 -27.86 -17.67 2.97
C LEU A 198 -27.00 -18.92 2.96
N GLY A 199 -26.74 -19.45 4.15
CA GLY A 199 -25.77 -20.49 4.29
C GLY A 199 -25.47 -20.77 5.74
N GLY A 200 -24.34 -21.43 5.95
CA GLY A 200 -23.86 -21.83 7.26
C GLY A 200 -22.49 -21.24 7.53
N HIS A 201 -22.32 -20.81 8.79
CA HIS A 201 -21.09 -20.19 9.26
C HIS A 201 -20.51 -20.92 10.47
N ALA A 202 -19.20 -21.12 10.43
CA ALA A 202 -18.45 -21.82 11.45
C ALA A 202 -17.50 -20.85 12.22
N ILE A 203 -17.73 -20.76 13.51
CA ILE A 203 -17.04 -19.78 14.39
C ILE A 203 -16.52 -20.41 15.68
N ARG A 204 -16.09 -19.60 16.64
CA ARG A 204 -15.51 -20.12 17.88
C ARG A 204 -16.19 -19.48 19.09
N ILE A 205 -16.78 -20.31 19.94
CA ILE A 205 -17.47 -19.88 21.15
C ILE A 205 -16.45 -19.88 22.31
N ILE A 206 -16.30 -18.76 22.95
CA ILE A 206 -15.26 -18.54 23.95
C ILE A 206 -15.88 -18.36 25.33
N GLY A 207 -17.18 -18.05 25.37
CA GLY A 207 -17.89 -18.10 26.60
C GLY A 207 -19.32 -17.61 26.49
N TRP A 208 -19.79 -17.00 27.58
CA TRP A 208 -21.19 -16.57 27.69
C TRP A 208 -21.39 -15.51 28.77
N GLY A 209 -22.58 -14.93 28.72
CA GLY A 209 -23.02 -14.07 29.76
C GLY A 209 -24.46 -13.68 29.65
N VAL A 210 -24.76 -12.61 30.37
CA VAL A 210 -26.12 -12.05 30.41
CA VAL A 210 -26.11 -12.07 30.42
C VAL A 210 -26.06 -10.54 30.36
N GLU A 211 -27.08 -9.95 29.73
CA GLU A 211 -27.20 -8.52 29.63
C GLU A 211 -28.66 -8.12 29.92
N ASN A 212 -28.87 -7.52 31.09
CA ASN A 212 -30.20 -7.33 31.71
C ASN A 212 -31.07 -8.59 31.61
N LYS A 213 -30.54 -9.67 32.19
CA LYS A 213 -31.16 -11.01 32.14
C LYS A 213 -31.18 -11.71 30.76
N ALA A 214 -30.65 -11.12 29.68
CA ALA A 214 -30.62 -11.80 28.37
C ALA A 214 -29.41 -12.70 28.20
N PRO A 215 -29.61 -14.04 28.14
CA PRO A 215 -28.47 -14.94 27.93
C PRO A 215 -27.91 -14.90 26.50
N TYR A 216 -26.58 -14.86 26.42
CA TYR A 216 -25.83 -14.83 25.16
C TYR A 216 -24.59 -15.69 25.22
N TRP A 217 -24.19 -16.18 24.05
CA TRP A 217 -22.90 -16.72 23.78
C TRP A 217 -21.95 -15.60 23.34
N LEU A 218 -20.69 -15.70 23.75
CA LEU A 218 -19.63 -14.85 23.23
C LEU A 218 -18.78 -15.60 22.22
N ILE A 219 -18.72 -15.06 21.00
CA ILE A 219 -18.19 -15.74 19.83
C ILE A 219 -17.17 -14.90 19.09
N ALA A 220 -16.04 -15.52 18.80
CA ALA A 220 -15.08 -14.92 17.96
C ALA A 220 -15.39 -15.26 16.52
N ASN A 221 -15.54 -14.24 15.70
CA ASN A 221 -15.71 -14.38 14.25
C ASN A 221 -14.32 -14.31 13.64
N SER A 222 -14.22 -14.81 12.42
CA SER A 222 -13.01 -14.79 11.64
C SER A 222 -13.05 -13.78 10.46
N TRP A 223 -13.63 -12.61 10.71
CA TRP A 223 -13.77 -11.53 9.67
C TRP A 223 -12.99 -10.25 10.03
N ASN A 224 -11.85 -10.44 10.70
CA ASN A 224 -11.07 -9.37 11.32
C ASN A 224 -11.74 -8.53 12.41
N GLU A 225 -10.87 -7.77 13.07
CA GLU A 225 -11.22 -6.94 14.21
C GLU A 225 -12.20 -5.78 13.96
N ASP A 226 -12.29 -5.29 12.72
CA ASP A 226 -13.20 -4.21 12.39
C ASP A 226 -14.64 -4.64 12.33
N TRP A 227 -14.89 -5.91 12.03
CA TRP A 227 -16.23 -6.46 12.08
C TRP A 227 -16.80 -6.53 13.49
N GLY A 228 -18.06 -6.11 13.63
CA GLY A 228 -18.85 -6.40 14.85
C GLY A 228 -18.25 -5.74 16.06
N GLU A 229 -18.14 -6.50 17.15
CA GLU A 229 -17.66 -5.97 18.43
C GLU A 229 -16.16 -6.29 18.54
N ASN A 230 -15.36 -5.45 17.88
CA ASN A 230 -13.91 -5.69 17.74
C ASN A 230 -13.59 -7.12 17.34
N GLY A 231 -14.40 -7.65 16.43
CA GLY A 231 -14.14 -8.92 15.87
C GLY A 231 -15.01 -10.01 16.43
N TYR A 232 -15.69 -9.79 17.55
CA TYR A 232 -16.59 -10.76 18.19
C TYR A 232 -18.03 -10.43 17.88
N PHE A 233 -18.90 -11.35 18.23
CA PHE A 233 -20.30 -11.06 18.42
C PHE A 233 -20.92 -11.83 19.55
N ARG A 234 -22.09 -11.40 19.94
CA ARG A 234 -22.89 -12.17 20.82
C ARG A 234 -24.17 -12.54 20.10
N ILE A 235 -24.81 -13.60 20.61
CA ILE A 235 -25.98 -14.25 20.04
C ILE A 235 -26.80 -14.88 21.17
N VAL A 236 -28.11 -14.93 20.99
CA VAL A 236 -29.03 -15.56 21.93
C VAL A 236 -28.55 -17.00 22.27
N ARG A 237 -28.47 -17.27 23.56
CA ARG A 237 -28.08 -18.55 24.11
C ARG A 237 -29.26 -19.27 24.73
N GLY A 238 -29.27 -20.60 24.60
CA GLY A 238 -30.25 -21.45 25.24
C GLY A 238 -31.48 -21.76 24.40
N ARG A 239 -31.66 -21.12 23.25
CA ARG A 239 -32.85 -21.37 22.41
C ARG A 239 -32.54 -22.08 21.10
N ASP A 240 -31.35 -22.66 20.96
CA ASP A 240 -30.84 -23.13 19.65
C ASP A 240 -31.03 -22.09 18.52
N GLU A 241 -30.73 -20.84 18.84
CA GLU A 241 -30.86 -19.75 17.89
C GLU A 241 -29.96 -19.97 16.67
N CYS A 242 -30.56 -19.90 15.48
CA CYS A 242 -29.86 -20.25 14.21
C CYS A 242 -29.02 -21.53 14.30
N SER A 243 -29.45 -22.53 15.08
CA SER A 243 -28.79 -23.86 15.27
C SER A 243 -27.41 -23.86 15.91
N ILE A 244 -27.13 -22.78 16.65
CA ILE A 244 -25.86 -22.47 17.30
C ILE A 244 -25.45 -23.51 18.34
N GLU A 245 -26.41 -24.20 18.97
CA GLU A 245 -26.09 -25.32 19.90
C GLU A 245 -26.09 -26.73 19.28
N SER A 246 -26.25 -26.82 17.97
CA SER A 246 -26.52 -28.09 17.28
C SER A 246 -25.33 -28.80 16.60
N GLU A 247 -24.29 -28.06 16.27
CA GLU A 247 -23.12 -28.68 15.73
C GLU A 247 -21.87 -28.08 16.39
N VAL A 248 -21.84 -28.24 17.71
CA VAL A 248 -20.68 -27.89 18.52
C VAL A 248 -19.65 -29.02 18.40
N THR A 249 -18.44 -28.63 18.09
CA THR A 249 -17.40 -29.56 17.69
C THR A 249 -16.12 -29.19 18.45
N ALA A 250 -15.51 -30.14 19.15
CA ALA A 250 -14.14 -29.93 19.66
C ALA A 250 -13.28 -31.21 19.81
N GLY A 251 -12.29 -31.16 20.68
CA GLY A 251 -11.42 -32.28 20.91
C GLY A 251 -10.36 -31.88 21.91
N ARG A 252 -9.47 -32.82 22.23
CA ARG A 252 -8.47 -32.63 23.29
C ARG A 252 -7.12 -33.17 22.85
N ILE A 253 -6.03 -32.58 23.36
CA ILE A 253 -4.66 -33.04 23.08
C ILE A 253 -4.28 -34.24 23.96
N ASN A 254 -5.02 -34.46 25.03
CA ASN A 254 -5.06 -35.74 25.72
C ASN A 254 -6.51 -36.14 25.96
N VAL B 1 12.37 -28.80 -2.89
CA VAL B 1 12.32 -28.88 -4.39
C VAL B 1 13.60 -29.50 -4.92
N GLU B 2 13.50 -30.04 -6.13
CA GLU B 2 14.63 -30.64 -6.81
C GLU B 2 15.19 -29.70 -7.87
N ILE B 3 16.47 -29.37 -7.75
CA ILE B 3 17.12 -28.50 -8.73
C ILE B 3 17.68 -29.32 -9.89
N PRO B 4 17.24 -29.04 -11.13
CA PRO B 4 17.86 -29.81 -12.20
C PRO B 4 19.28 -29.34 -12.45
N SER B 5 20.12 -30.21 -12.96
CA SER B 5 21.51 -29.88 -13.28
C SER B 5 21.64 -28.70 -14.27
N SER B 6 20.64 -28.53 -15.13
CA SER B 6 20.54 -27.36 -15.99
C SER B 6 19.13 -26.74 -16.00
N PHE B 7 19.11 -25.42 -16.10
CA PHE B 7 17.89 -24.62 -16.19
C PHE B 7 18.07 -23.34 -17.04
N ASP B 8 17.11 -23.07 -17.91
CA ASP B 8 17.17 -21.88 -18.77
C ASP B 8 15.79 -21.22 -18.67
N SER B 9 15.76 -19.98 -18.15
CA SER B 9 14.50 -19.24 -17.94
C SER B 9 13.71 -19.07 -19.26
N ARG B 10 14.48 -18.91 -20.33
CA ARG B 10 13.96 -18.87 -21.72
C ARG B 10 13.12 -20.15 -22.08
N LYS B 11 13.57 -21.34 -21.70
CA LYS B 11 12.80 -22.58 -21.94
C LYS B 11 11.57 -22.73 -21.05
N LYS B 12 11.65 -22.29 -19.80
CA LYS B 12 10.50 -22.39 -18.88
C LYS B 12 9.41 -21.42 -19.23
N TRP B 13 9.81 -20.21 -19.61
CA TRP B 13 8.87 -19.16 -20.01
C TRP B 13 9.11 -18.60 -21.39
N PRO B 14 8.81 -19.39 -22.44
CA PRO B 14 9.14 -18.85 -23.77
C PRO B 14 8.16 -17.78 -24.28
N ARG B 15 6.99 -17.59 -23.65
CA ARG B 15 6.12 -16.47 -23.99
C ARG B 15 6.71 -15.13 -23.58
N CYS B 16 7.65 -15.13 -22.65
CA CYS B 16 8.26 -13.93 -22.13
C CYS B 16 9.50 -13.64 -22.95
N LYS B 17 9.30 -12.88 -24.02
CA LYS B 17 10.34 -12.57 -25.00
C LYS B 17 11.44 -11.69 -24.46
N SER B 18 11.10 -10.87 -23.47
CA SER B 18 12.11 -10.06 -22.74
C SER B 18 13.25 -10.91 -22.20
N ILE B 19 12.98 -12.14 -21.74
CA ILE B 19 14.03 -13.03 -21.21
C ILE B 19 15.11 -13.30 -22.24
N ALA B 20 14.74 -13.43 -23.52
CA ALA B 20 15.70 -13.70 -24.58
C ALA B 20 16.15 -12.46 -25.37
N THR B 21 15.99 -11.26 -24.82
CA THR B 21 16.32 -10.02 -25.51
C THR B 21 17.58 -9.45 -24.92
N ILE B 22 18.59 -9.22 -25.76
CA ILE B 22 19.85 -8.62 -25.32
C ILE B 22 19.82 -7.11 -25.64
N ARG B 23 19.99 -6.30 -24.60
CA ARG B 23 19.98 -4.84 -24.69
C ARG B 23 21.41 -4.25 -24.74
N ASP B 24 21.47 -2.93 -24.93
CA ASP B 24 22.74 -2.15 -25.00
C ASP B 24 22.65 -0.84 -24.23
N GLN B 25 23.55 -0.70 -23.25
CA GLN B 25 23.59 0.44 -22.35
C GLN B 25 24.26 1.68 -22.99
N SER B 26 24.95 1.46 -24.09
CA SER B 26 25.63 2.50 -24.86
C SER B 26 26.82 3.01 -24.04
N ARG B 27 27.24 4.23 -24.35
CA ARG B 27 28.41 4.86 -23.73
C ARG B 27 28.02 5.44 -22.38
N CYS B 28 27.70 4.55 -21.45
CA CYS B 28 27.09 4.91 -20.18
C CYS B 28 27.23 3.74 -19.21
N GLY B 29 27.64 4.05 -17.98
CA GLY B 29 27.82 3.04 -16.92
C GLY B 29 26.52 2.68 -16.23
N SER B 30 25.46 2.53 -17.01
CA SER B 30 24.12 2.30 -16.54
C SER B 30 23.75 0.79 -16.46
N CYS B 31 24.76 -0.07 -16.45
CA CYS B 31 24.58 -1.50 -16.21
C CYS B 31 23.68 -1.83 -15.05
N TRP B 32 23.87 -1.12 -13.94
CA TRP B 32 23.06 -1.31 -12.76
C TRP B 32 21.56 -1.21 -13.08
N ALA B 33 21.22 -0.36 -14.03
CA ALA B 33 19.82 -0.11 -14.37
C ALA B 33 19.31 -1.11 -15.42
N PHE B 34 20.18 -1.52 -16.32
CA PHE B 34 19.86 -2.52 -17.35
C PHE B 34 19.53 -3.88 -16.71
N GLY B 35 20.35 -4.25 -15.73
CA GLY B 35 20.19 -5.48 -15.03
C GLY B 35 18.88 -5.49 -14.30
N ALA B 36 18.55 -4.35 -13.66
CA ALA B 36 17.30 -4.15 -12.99
C ALA B 36 16.12 -4.28 -13.94
N VAL B 37 16.01 -3.38 -14.92
CA VAL B 37 14.78 -3.30 -15.74
C VAL B 37 14.58 -4.53 -16.62
N GLU B 38 15.66 -5.17 -17.03
CA GLU B 38 15.56 -6.44 -17.77
C GLU B 38 14.91 -7.55 -16.97
N ALA B 39 15.44 -7.80 -15.78
CA ALA B 39 14.92 -8.77 -14.86
C ALA B 39 13.53 -8.40 -14.33
N MET B 40 13.26 -7.11 -14.15
CA MET B 40 11.91 -6.63 -13.79
C MET B 40 10.92 -6.89 -14.93
N SER B 41 11.34 -6.69 -16.17
CA SER B 41 10.51 -6.96 -17.36
C SER B 41 10.17 -8.44 -17.41
N ASP B 42 11.19 -9.27 -17.18
CA ASP B 42 11.05 -10.72 -17.15
C ASP B 42 10.07 -11.16 -16.05
N ARG B 43 10.31 -10.70 -14.83
CA ARG B 43 9.45 -11.04 -13.70
C ARG B 43 8.02 -10.48 -13.84
N SER B 44 7.86 -9.32 -14.46
CA SER B 44 6.53 -8.79 -14.72
C SER B 44 5.76 -9.79 -15.59
N CYS B 45 6.39 -10.25 -16.68
CA CYS B 45 5.78 -11.26 -17.57
C CYS B 45 5.49 -12.61 -16.91
N ILE B 46 6.50 -13.16 -16.22
CA ILE B 46 6.38 -14.47 -15.60
C ILE B 46 5.25 -14.50 -14.58
N GLN B 47 5.25 -13.52 -13.67
CA GLN B 47 4.43 -13.59 -12.46
C GLN B 47 3.04 -12.97 -12.58
N SER B 48 2.74 -12.35 -13.72
CA SER B 48 1.42 -11.78 -13.94
C SER B 48 0.58 -12.65 -14.88
N GLY B 49 1.17 -13.74 -15.38
CA GLY B 49 0.52 -14.54 -16.43
C GLY B 49 0.59 -13.87 -17.80
N GLY B 50 1.63 -13.07 -18.02
CA GLY B 50 1.88 -12.43 -19.31
C GLY B 50 0.98 -11.27 -19.65
N LYS B 51 0.22 -10.79 -18.66
CA LYS B 51 -0.61 -9.61 -18.85
C LYS B 51 0.31 -8.40 -19.04
N GLN B 52 1.31 -8.27 -18.16
CA GLN B 52 2.34 -7.22 -18.27
C GLN B 52 3.56 -7.72 -19.04
N ASN B 53 3.36 -8.11 -20.30
CA ASN B 53 4.47 -8.48 -21.15
C ASN B 53 5.06 -7.23 -21.80
N VAL B 54 6.01 -6.59 -21.09
CA VAL B 54 6.59 -5.31 -21.51
C VAL B 54 8.12 -5.25 -21.43
N GLU B 55 8.65 -4.21 -22.05
CA GLU B 55 10.06 -3.83 -21.92
C GLU B 55 10.12 -2.57 -21.06
N LEU B 56 10.64 -2.69 -19.85
CA LEU B 56 10.65 -1.54 -18.93
C LEU B 56 11.78 -0.60 -19.27
N SER B 57 11.53 0.68 -19.04
CA SER B 57 12.36 1.75 -19.52
C SER B 57 13.59 1.89 -18.66
N ALA B 58 14.74 1.65 -19.26
CA ALA B 58 16.00 1.85 -18.61
C ALA B 58 16.22 3.32 -18.25
N VAL B 59 15.77 4.24 -19.10
CA VAL B 59 16.06 5.65 -18.89
C VAL B 59 15.26 6.21 -17.72
N ASP B 60 14.01 5.76 -17.60
CA ASP B 60 13.16 6.15 -16.49
C ASP B 60 13.90 5.88 -15.18
N LEU B 61 14.45 4.67 -15.02
CA LEU B 61 15.14 4.33 -13.78
C LEU B 61 16.47 5.08 -13.66
N LEU B 62 17.25 5.09 -14.74
CA LEU B 62 18.53 5.77 -14.75
C LEU B 62 18.48 7.22 -14.27
N SER B 63 17.53 7.98 -14.83
CA SER B 63 17.47 9.42 -14.68
C SER B 63 16.61 9.88 -13.51
N CYS B 64 15.62 9.08 -13.16
CA CYS B 64 14.62 9.48 -12.17
C CYS B 64 14.86 8.94 -10.77
N CYS B 65 15.64 7.86 -10.63
CA CYS B 65 15.97 7.39 -9.28
C CYS B 65 17.06 8.25 -8.68
N GLU B 66 16.79 8.79 -7.50
CA GLU B 66 17.74 9.65 -6.79
C GLU B 66 18.59 8.91 -5.78
N SER B 67 18.08 7.80 -5.25
CA SER B 67 18.78 7.03 -4.24
C SER B 67 19.56 5.84 -4.86
N CYS B 68 19.74 5.85 -6.18
CA CYS B 68 20.36 4.76 -6.93
C CYS B 68 21.82 5.02 -7.31
N GLY B 69 22.43 6.02 -6.70
CA GLY B 69 23.82 6.37 -6.97
C GLY B 69 24.04 7.48 -7.99
N LEU B 70 25.05 7.28 -8.84
CA LEU B 70 25.62 8.33 -9.68
C LEU B 70 25.24 8.22 -11.17
N GLY B 71 24.16 7.49 -11.47
CA GLY B 71 23.63 7.39 -12.85
C GLY B 71 24.53 6.69 -13.88
N CYS B 72 24.98 7.44 -14.88
CA CYS B 72 25.91 6.88 -15.90
C CYS B 72 27.34 6.62 -15.39
N GLU B 73 27.67 7.13 -14.19
CA GLU B 73 28.96 6.91 -13.53
C GLU B 73 28.83 5.83 -12.42
N GLY B 74 27.93 4.87 -12.64
CA GLY B 74 27.77 3.74 -11.74
C GLY B 74 26.59 3.88 -10.80
N GLY B 75 26.13 2.74 -10.29
CA GLY B 75 24.95 2.74 -9.41
C GLY B 75 24.77 1.54 -8.52
N ILE B 76 23.68 1.57 -7.75
CA ILE B 76 23.50 0.66 -6.64
C ILE B 76 22.26 -0.19 -6.83
N LEU B 77 22.44 -1.50 -6.66
CA LEU B 77 21.46 -2.51 -7.08
C LEU B 77 20.15 -2.48 -6.28
N GLY B 78 20.25 -2.71 -4.98
CA GLY B 78 19.10 -2.80 -4.09
C GLY B 78 18.12 -1.64 -4.23
N PRO B 79 18.64 -0.41 -4.15
CA PRO B 79 17.85 0.81 -4.31
C PRO B 79 17.06 0.88 -5.64
N ALA B 80 17.61 0.29 -6.70
CA ALA B 80 16.91 0.26 -7.98
C ALA B 80 15.65 -0.60 -7.92
N TRP B 81 15.74 -1.75 -7.25
CA TRP B 81 14.59 -2.60 -7.00
C TRP B 81 13.61 -1.91 -6.06
N ASP B 82 14.12 -1.11 -5.10
CA ASP B 82 13.23 -0.35 -4.23
C ASP B 82 12.46 0.74 -5.00
N TYR B 83 13.12 1.38 -5.97
CA TYR B 83 12.47 2.39 -6.79
C TYR B 83 11.29 1.76 -7.57
N TRP B 84 11.48 0.52 -8.00
CA TRP B 84 10.49 -0.23 -8.75
C TRP B 84 9.27 -0.55 -7.87
N VAL B 85 9.50 -0.89 -6.60
CA VAL B 85 8.41 -1.12 -5.67
C VAL B 85 7.67 0.17 -5.29
N LYS B 86 8.41 1.24 -5.01
CA LYS B 86 7.82 2.53 -4.61
C LYS B 86 7.33 3.42 -5.77
N GLU B 87 8.24 3.82 -6.65
CA GLU B 87 7.87 4.65 -7.82
C GLU B 87 7.27 3.85 -8.95
N GLY B 88 7.85 2.68 -9.20
CA GLY B 88 7.57 1.96 -10.42
C GLY B 88 8.37 2.59 -11.55
N ILE B 89 8.41 1.88 -12.66
CA ILE B 89 9.14 2.28 -13.85
C ILE B 89 8.21 2.17 -15.04
N VAL B 90 8.37 3.05 -16.03
CA VAL B 90 7.49 2.99 -17.22
C VAL B 90 8.07 2.08 -18.29
N THR B 91 7.30 1.87 -19.36
CA THR B 91 7.77 1.11 -20.52
C THR B 91 8.71 1.98 -21.35
N GLY B 92 9.51 1.33 -22.18
CA GLY B 92 10.50 2.00 -23.00
C GLY B 92 11.52 1.03 -23.57
N SER B 93 11.69 1.07 -24.89
CA SER B 93 12.58 0.13 -25.57
C SER B 93 13.87 0.84 -25.99
N SER B 94 14.61 0.24 -26.92
CA SER B 94 15.87 0.80 -27.37
C SER B 94 15.69 2.12 -28.12
N LYS B 95 16.79 2.82 -28.36
CA LYS B 95 16.80 4.04 -29.18
C LYS B 95 16.37 3.70 -30.60
N GLU B 96 17.02 2.67 -31.15
CA GLU B 96 16.79 2.24 -32.54
C GLU B 96 15.34 1.81 -32.86
N ASN B 97 14.62 1.35 -31.84
CA ASN B 97 13.24 0.87 -32.00
C ASN B 97 12.17 1.81 -31.43
N HIS B 98 12.58 2.89 -30.75
CA HIS B 98 11.69 3.99 -30.28
C HIS B 98 10.26 3.62 -29.88
N ALA B 99 10.12 2.58 -29.05
CA ALA B 99 8.82 2.13 -28.57
C ALA B 99 8.58 2.51 -27.11
N GLY B 100 7.33 2.39 -26.70
CA GLY B 100 6.97 2.56 -25.31
C GLY B 100 7.07 4.01 -24.87
N CYS B 101 6.86 4.22 -23.58
CA CYS B 101 6.75 5.55 -22.99
C CYS B 101 8.05 6.36 -23.16
N GLU B 102 9.16 5.80 -22.68
CA GLU B 102 10.44 6.51 -22.71
C GLU B 102 11.58 5.66 -23.25
N PRO B 103 11.79 5.69 -24.58
CA PRO B 103 12.88 5.00 -25.24
C PRO B 103 14.27 5.46 -24.81
N TYR B 104 15.23 4.55 -24.86
CA TYR B 104 16.60 4.87 -24.45
C TYR B 104 17.16 5.94 -25.40
N PRO B 105 17.81 6.99 -24.84
CA PRO B 105 18.28 8.09 -25.69
C PRO B 105 19.65 7.89 -26.32
N PHE B 106 20.35 6.82 -25.96
CA PHE B 106 21.70 6.56 -26.48
C PHE B 106 21.73 5.37 -27.45
N PRO B 107 22.58 5.47 -28.49
CA PRO B 107 22.68 4.48 -29.55
C PRO B 107 23.52 3.26 -29.19
N LYS B 108 23.31 2.18 -29.94
CA LYS B 108 24.06 0.93 -29.74
C LYS B 108 25.49 1.09 -30.22
N CYS B 109 26.42 0.45 -29.52
CA CYS B 109 27.83 0.50 -29.87
C CYS B 109 28.56 -0.78 -29.44
N GLU B 110 29.76 -0.98 -29.98
CA GLU B 110 30.53 -2.20 -29.67
C GLU B 110 31.40 -2.01 -28.45
N HIS B 111 31.26 -2.91 -27.48
CA HIS B 111 32.00 -2.85 -26.22
C HIS B 111 33.19 -3.81 -26.24
N HIS B 112 34.37 -3.27 -26.58
CA HIS B 112 35.63 -4.03 -26.60
C HIS B 112 35.60 -5.24 -27.51
N THR B 113 34.93 -5.09 -28.65
CA THR B 113 34.69 -6.22 -29.52
C THR B 113 34.30 -5.68 -30.89
N LYS B 114 34.54 -6.46 -31.93
CA LYS B 114 34.23 -6.02 -33.29
C LYS B 114 32.82 -6.43 -33.67
N GLY B 115 32.17 -5.58 -34.46
CA GLY B 115 30.84 -5.87 -34.95
C GLY B 115 30.32 -4.80 -35.89
N LYS B 116 29.00 -4.72 -35.99
CA LYS B 116 28.35 -3.84 -36.95
C LYS B 116 28.24 -2.39 -36.46
N TYR B 117 28.06 -2.22 -35.15
CA TYR B 117 27.88 -0.88 -34.58
C TYR B 117 29.23 -0.16 -34.47
N PRO B 118 29.21 1.18 -34.34
CA PRO B 118 30.47 1.89 -34.12
C PRO B 118 31.10 1.48 -32.79
N PRO B 119 32.42 1.71 -32.62
CA PRO B 119 33.01 1.55 -31.30
C PRO B 119 32.35 2.47 -30.27
N CYS B 120 32.12 1.94 -29.06
CA CYS B 120 31.67 2.76 -27.95
C CYS B 120 32.74 3.77 -27.55
N GLY B 121 34.00 3.36 -27.69
CA GLY B 121 35.13 4.15 -27.21
C GLY B 121 35.13 4.18 -25.70
N SER B 122 35.76 5.19 -25.14
CA SER B 122 35.88 5.32 -23.69
C SER B 122 35.17 6.56 -23.14
N LYS B 123 34.42 7.27 -23.98
CA LYS B 123 33.66 8.41 -23.50
C LYS B 123 32.35 7.94 -22.87
N ILE B 124 31.90 8.69 -21.87
CA ILE B 124 30.70 8.37 -21.10
C ILE B 124 29.74 9.56 -21.22
N TYR B 125 28.53 9.31 -21.71
CA TYR B 125 27.51 10.35 -21.73
C TYR B 125 27.19 10.83 -20.32
N LYS B 126 26.73 12.07 -20.22
CA LYS B 126 26.11 12.57 -19.00
C LYS B 126 24.78 11.86 -18.78
N THR B 127 24.37 11.72 -17.54
CA THR B 127 23.08 11.14 -17.18
C THR B 127 21.89 11.99 -17.66
N PRO B 128 20.94 11.37 -18.39
CA PRO B 128 19.75 12.10 -18.85
C PRO B 128 18.91 12.69 -17.71
N ARG B 129 18.23 13.80 -18.01
CA ARG B 129 17.29 14.42 -17.07
C ARG B 129 16.08 13.54 -16.87
N CYS B 130 15.56 13.51 -15.65
CA CYS B 130 14.29 12.85 -15.38
C CYS B 130 13.17 13.65 -16.02
N LYS B 131 12.56 13.11 -17.09
CA LYS B 131 11.61 13.87 -17.90
C LYS B 131 10.15 13.74 -17.48
N GLN B 132 9.71 12.51 -17.26
CA GLN B 132 8.32 12.24 -16.80
C GLN B 132 7.24 12.64 -17.83
N THR B 133 7.56 12.42 -19.10
CA THR B 133 6.60 12.54 -20.18
C THR B 133 6.89 11.42 -21.18
N CYS B 134 5.88 10.66 -21.56
CA CYS B 134 6.07 9.66 -22.61
C CYS B 134 6.28 10.39 -23.92
N GLN B 135 6.87 9.69 -24.90
CA GLN B 135 7.16 10.26 -26.22
C GLN B 135 5.85 10.63 -26.93
N LYS B 136 6.00 11.42 -27.99
CA LYS B 136 4.86 11.98 -28.71
C LYS B 136 3.72 10.99 -28.86
N LYS B 137 3.96 9.96 -29.67
CA LYS B 137 2.89 9.10 -30.16
C LYS B 137 2.59 7.85 -29.31
N TYR B 138 3.18 7.74 -28.12
CA TYR B 138 2.83 6.65 -27.23
C TYR B 138 1.50 6.98 -26.52
N LYS B 139 0.56 6.04 -26.52
CA LYS B 139 -0.84 6.31 -26.14
C LYS B 139 -1.16 6.05 -24.66
N THR B 140 -0.28 6.48 -23.77
CA THR B 140 -0.57 6.39 -22.35
C THR B 140 0.06 7.58 -21.60
N PRO B 141 -0.56 7.99 -20.47
CA PRO B 141 0.13 8.94 -19.60
C PRO B 141 1.24 8.28 -18.77
N TYR B 142 2.42 8.90 -18.81
CA TYR B 142 3.57 8.51 -18.00
C TYR B 142 3.20 7.98 -16.63
N THR B 143 2.34 8.73 -15.95
CA THR B 143 1.94 8.40 -14.60
C THR B 143 1.11 7.12 -14.52
N GLN B 144 0.37 6.79 -15.59
CA GLN B 144 -0.43 5.56 -15.64
CA GLN B 144 -0.42 5.55 -15.63
C GLN B 144 0.31 4.40 -16.38
N ASP B 145 1.52 4.68 -16.85
CA ASP B 145 2.34 3.68 -17.52
C ASP B 145 3.33 3.00 -16.55
N LYS B 146 3.28 3.39 -15.27
CA LYS B 146 4.19 2.85 -14.29
C LYS B 146 3.91 1.39 -14.02
N HIS B 147 4.97 0.58 -14.05
CA HIS B 147 4.87 -0.81 -13.66
C HIS B 147 5.63 -0.94 -12.34
N ARG B 148 4.94 -1.47 -11.33
CA ARG B 148 5.44 -1.50 -9.95
C ARG B 148 5.69 -2.93 -9.45
N GLY B 149 6.75 -3.11 -8.65
CA GLY B 149 6.93 -4.32 -7.88
C GLY B 149 6.19 -4.25 -6.57
N LYS B 150 6.15 -5.35 -5.83
CA LYS B 150 5.64 -5.34 -4.47
C LYS B 150 6.74 -5.50 -3.44
N SER B 151 7.68 -6.41 -3.70
CA SER B 151 8.82 -6.63 -2.83
C SER B 151 10.16 -6.40 -3.53
N SER B 152 11.16 -6.15 -2.69
CA SER B 152 12.53 -5.84 -3.09
C SER B 152 13.45 -6.57 -2.10
N TYR B 153 14.43 -7.32 -2.60
CA TYR B 153 15.26 -8.14 -1.72
C TYR B 153 16.64 -8.55 -2.21
N ASN B 154 17.45 -9.02 -1.28
CA ASN B 154 18.71 -9.63 -1.63
C ASN B 154 18.55 -11.11 -1.51
N VAL B 155 19.29 -11.84 -2.33
CA VAL B 155 19.25 -13.29 -2.35
C VAL B 155 20.51 -13.76 -1.65
N LYS B 156 20.34 -14.74 -0.77
CA LYS B 156 21.44 -15.34 -0.03
C LYS B 156 22.60 -15.72 -0.96
N ASN B 157 23.83 -15.45 -0.51
CA ASN B 157 25.06 -15.87 -1.21
C ASN B 157 25.21 -17.37 -1.11
N ASP B 158 24.43 -18.06 -1.93
CA ASP B 158 24.29 -19.48 -1.80
C ASP B 158 23.80 -19.99 -3.14
N GLU B 159 24.61 -20.80 -3.79
CA GLU B 159 24.31 -21.35 -5.10
C GLU B 159 22.89 -21.88 -5.19
N LYS B 160 22.52 -22.74 -4.25
CA LYS B 160 21.23 -23.43 -4.34
C LYS B 160 20.07 -22.47 -4.14
N ALA B 161 20.24 -21.50 -3.25
CA ALA B 161 19.25 -20.43 -3.04
C ALA B 161 19.01 -19.64 -4.30
N ILE B 162 20.10 -19.27 -4.98
CA ILE B 162 19.99 -18.47 -6.18
C ILE B 162 19.26 -19.30 -7.24
N GLN B 163 19.65 -20.56 -7.35
CA GLN B 163 19.08 -21.47 -8.33
C GLN B 163 17.57 -21.58 -8.22
N LYS B 164 17.10 -21.84 -6.99
CA LYS B 164 15.69 -21.97 -6.68
C LYS B 164 14.92 -20.68 -6.84
N GLU B 165 15.59 -19.59 -6.52
CA GLU B 165 14.99 -18.29 -6.67
C GLU B 165 14.67 -18.09 -8.14
N ILE B 166 15.64 -18.35 -9.01
CA ILE B 166 15.52 -18.09 -10.47
C ILE B 166 14.44 -19.01 -11.08
N MET B 167 14.54 -20.28 -10.69
CA MET B 167 13.60 -21.32 -11.08
C MET B 167 12.16 -20.95 -10.76
N LYS B 168 11.92 -20.43 -9.56
CA LYS B 168 10.57 -20.17 -9.07
C LYS B 168 10.08 -18.83 -9.56
N TYR B 169 10.92 -17.80 -9.48
CA TYR B 169 10.46 -16.42 -9.76
C TYR B 169 11.09 -15.75 -11.00
N GLY B 170 12.04 -16.39 -11.66
CA GLY B 170 12.63 -15.82 -12.88
C GLY B 170 14.04 -15.26 -12.70
N PRO B 171 14.62 -14.65 -13.79
CA PRO B 171 15.94 -14.03 -13.79
C PRO B 171 16.15 -12.97 -12.73
N VAL B 172 17.37 -12.94 -12.24
CA VAL B 172 17.78 -12.04 -11.18
C VAL B 172 18.81 -11.12 -11.74
N GLU B 173 19.02 -10.03 -11.03
CA GLU B 173 20.15 -9.16 -11.23
C GLU B 173 21.34 -9.60 -10.29
N ALA B 174 22.57 -9.44 -10.78
CA ALA B 174 23.76 -9.77 -10.01
C ALA B 174 24.93 -8.81 -10.35
N GLY B 175 25.75 -8.60 -9.34
CA GLY B 175 26.99 -7.85 -9.45
C GLY B 175 28.22 -8.74 -9.42
N PHE B 176 29.20 -8.42 -10.25
CA PHE B 176 30.47 -9.14 -10.28
C PHE B 176 31.62 -8.21 -10.60
N THR B 177 32.82 -8.71 -10.31
CA THR B 177 34.04 -7.91 -10.45
C THR B 177 34.58 -8.04 -11.86
N VAL B 178 34.82 -6.90 -12.49
CA VAL B 178 35.48 -6.84 -13.77
C VAL B 178 36.99 -6.77 -13.64
N TYR B 179 37.68 -7.80 -14.11
CA TYR B 179 39.12 -7.71 -14.32
C TYR B 179 39.38 -7.43 -15.82
N GLU B 180 40.63 -7.13 -16.16
CA GLU B 180 41.00 -6.80 -17.55
C GLU B 180 40.71 -7.95 -18.55
N ASP B 181 40.86 -9.20 -18.13
CA ASP B 181 40.65 -10.33 -19.06
C ASP B 181 39.18 -10.48 -19.49
N PHE B 182 38.23 -9.99 -18.68
CA PHE B 182 36.81 -10.02 -19.07
C PHE B 182 36.57 -9.29 -20.40
N LEU B 183 37.29 -8.19 -20.62
CA LEU B 183 37.16 -7.35 -21.82
C LEU B 183 37.60 -8.04 -23.13
N ASN B 184 38.32 -9.15 -22.99
CA ASN B 184 38.72 -10.02 -24.11
C ASN B 184 37.81 -11.22 -24.35
N TYR B 185 36.78 -11.36 -23.52
CA TYR B 185 35.96 -12.55 -23.59
C TYR B 185 35.22 -12.64 -24.92
N LYS B 186 35.30 -13.81 -25.53
CA LYS B 186 34.60 -14.09 -26.79
C LYS B 186 33.60 -15.23 -26.62
N SER B 187 34.04 -16.30 -25.98
CA SER B 187 33.19 -17.46 -25.67
C SER B 187 33.77 -18.32 -24.57
N GLY B 188 32.98 -19.27 -24.10
CA GLY B 188 33.40 -20.24 -23.11
C GLY B 188 32.84 -19.98 -21.73
N ILE B 189 33.31 -20.75 -20.75
CA ILE B 189 32.99 -20.49 -19.33
C ILE B 189 34.09 -19.56 -18.83
N TYR B 190 33.69 -18.35 -18.44
CA TYR B 190 34.63 -17.33 -17.97
C TYR B 190 35.17 -17.63 -16.58
N LYS B 191 36.43 -17.35 -16.41
CA LYS B 191 37.06 -17.42 -15.12
C LYS B 191 38.18 -16.38 -15.16
N HIS B 192 38.37 -15.68 -14.03
CA HIS B 192 39.47 -14.75 -13.87
C HIS B 192 40.80 -15.49 -13.75
N ILE B 193 41.67 -15.27 -14.72
CA ILE B 193 43.03 -15.85 -14.76
C ILE B 193 44.09 -14.74 -14.73
N THR B 194 43.90 -13.67 -15.49
CA THR B 194 44.80 -12.52 -15.51
C THR B 194 44.05 -11.18 -15.55
N GLY B 195 44.76 -10.09 -15.26
CA GLY B 195 44.20 -8.76 -15.36
C GLY B 195 43.94 -8.15 -14.00
N GLU B 196 44.03 -6.83 -13.94
CA GLU B 196 43.78 -6.09 -12.70
C GLU B 196 42.30 -5.77 -12.60
N THR B 197 41.86 -5.50 -11.37
CA THR B 197 40.53 -4.96 -11.08
C THR B 197 40.22 -3.62 -11.75
N LEU B 198 39.16 -3.59 -12.54
CA LEU B 198 38.73 -2.35 -13.19
C LEU B 198 37.49 -1.77 -12.56
N GLY B 199 36.64 -2.63 -12.00
CA GLY B 199 35.37 -2.19 -11.48
C GLY B 199 34.40 -3.33 -11.22
N GLY B 200 33.14 -2.94 -11.16
CA GLY B 200 32.04 -3.85 -10.91
C GLY B 200 31.09 -3.73 -12.07
N HIS B 201 30.43 -4.85 -12.36
CA HIS B 201 29.52 -4.92 -13.48
C HIS B 201 28.25 -5.61 -12.99
N ALA B 202 27.11 -5.06 -13.39
CA ALA B 202 25.83 -5.62 -13.06
C ALA B 202 25.22 -6.28 -14.33
N ILE B 203 24.66 -7.46 -14.13
CA ILE B 203 24.07 -8.27 -15.22
C ILE B 203 22.85 -9.08 -14.77
N ARG B 204 22.32 -9.90 -15.67
CA ARG B 204 21.10 -10.69 -15.39
C ARG B 204 21.34 -12.19 -15.56
N ILE B 205 21.20 -12.94 -14.48
CA ILE B 205 21.37 -14.37 -14.48
C ILE B 205 20.02 -15.00 -14.83
N ILE B 206 20.00 -15.71 -15.93
CA ILE B 206 18.78 -16.34 -16.44
C ILE B 206 18.80 -17.83 -16.22
N GLY B 207 19.95 -18.41 -15.86
CA GLY B 207 19.97 -19.81 -15.51
C GLY B 207 21.34 -20.40 -15.32
N TRP B 208 21.45 -21.71 -15.57
CA TRP B 208 22.71 -22.44 -15.35
C TRP B 208 22.82 -23.72 -16.19
N GLY B 209 24.00 -24.30 -16.16
CA GLY B 209 24.18 -25.56 -16.82
C GLY B 209 25.51 -26.12 -16.53
N VAL B 210 25.83 -27.15 -17.29
CA VAL B 210 27.02 -27.92 -17.06
C VAL B 210 27.65 -28.33 -18.39
N GLU B 211 28.96 -28.15 -18.52
CA GLU B 211 29.65 -28.49 -19.76
C GLU B 211 30.88 -29.37 -19.46
N ASN B 212 30.80 -30.61 -19.93
CA ASN B 212 31.69 -31.69 -19.47
C ASN B 212 31.95 -31.64 -17.96
N LYS B 213 30.86 -31.59 -17.20
CA LYS B 213 30.88 -31.56 -15.74
C LYS B 213 31.20 -30.19 -15.16
N ALA B 214 31.62 -29.20 -15.97
CA ALA B 214 31.93 -27.86 -15.44
C ALA B 214 30.67 -27.00 -15.27
N PRO B 215 30.37 -26.61 -14.02
CA PRO B 215 29.16 -25.88 -13.69
C PRO B 215 29.30 -24.38 -13.97
N TYR B 216 28.24 -23.82 -14.53
CA TYR B 216 28.26 -22.47 -15.02
C TYR B 216 26.91 -21.83 -14.74
N TRP B 217 26.93 -20.50 -14.71
CA TRP B 217 25.78 -19.61 -14.75
C TRP B 217 25.62 -19.07 -16.17
N LEU B 218 24.39 -19.09 -16.66
CA LEU B 218 24.05 -18.42 -17.91
C LEU B 218 23.64 -16.99 -17.62
N ILE B 219 24.33 -16.04 -18.25
CA ILE B 219 24.15 -14.60 -18.05
C ILE B 219 23.92 -13.80 -19.32
N ALA B 220 22.87 -12.99 -19.31
CA ALA B 220 22.71 -11.94 -20.28
C ALA B 220 23.45 -10.67 -19.86
N ASN B 221 24.38 -10.26 -20.70
CA ASN B 221 25.07 -8.95 -20.62
C ASN B 221 24.26 -7.85 -21.37
N SER B 222 24.61 -6.60 -21.09
CA SER B 222 23.95 -5.44 -21.66
C SER B 222 24.89 -4.65 -22.57
N TRP B 223 25.62 -5.38 -23.41
CA TRP B 223 26.58 -4.82 -24.39
C TRP B 223 26.20 -5.22 -25.85
N ASN B 224 24.91 -5.39 -26.09
CA ASN B 224 24.30 -5.87 -27.35
C ASN B 224 24.66 -7.31 -27.78
N GLU B 225 23.98 -7.75 -28.83
CA GLU B 225 24.03 -9.14 -29.30
C GLU B 225 25.35 -9.59 -29.90
N ASP B 226 26.18 -8.63 -30.35
CA ASP B 226 27.50 -8.91 -30.91
C ASP B 226 28.56 -9.37 -29.88
N TRP B 227 28.50 -8.84 -28.67
CA TRP B 227 29.42 -9.22 -27.62
C TRP B 227 29.22 -10.68 -27.17
N GLY B 228 30.31 -11.37 -26.87
CA GLY B 228 30.24 -12.68 -26.20
C GLY B 228 29.55 -13.73 -27.03
N GLU B 229 28.75 -14.56 -26.37
CA GLU B 229 28.02 -15.63 -27.06
C GLU B 229 26.62 -15.11 -27.40
N ASN B 230 26.50 -14.40 -28.52
CA ASN B 230 25.22 -13.72 -28.91
C ASN B 230 24.74 -12.79 -27.81
N GLY B 231 25.68 -12.18 -27.11
CA GLY B 231 25.33 -11.22 -26.08
C GLY B 231 25.18 -11.78 -24.69
N TYR B 232 25.21 -13.10 -24.54
CA TYR B 232 25.28 -13.77 -23.27
C TYR B 232 26.72 -14.11 -23.00
N PHE B 233 26.96 -14.57 -21.78
CA PHE B 233 28.18 -15.22 -21.36
C PHE B 233 27.96 -16.26 -20.27
N ARG B 234 28.93 -17.16 -20.11
CA ARG B 234 28.88 -18.11 -19.03
C ARG B 234 30.07 -17.79 -18.16
N ILE B 235 29.89 -18.02 -16.87
CA ILE B 235 30.92 -17.86 -15.86
C ILE B 235 30.89 -19.06 -14.92
N VAL B 236 32.03 -19.36 -14.29
CA VAL B 236 32.12 -20.38 -13.26
C VAL B 236 31.03 -20.15 -12.20
N ARG B 237 30.28 -21.21 -11.92
CA ARG B 237 29.27 -21.20 -10.84
C ARG B 237 29.76 -22.02 -9.66
N GLY B 238 29.33 -21.63 -8.46
CA GLY B 238 29.58 -22.39 -7.26
C GLY B 238 30.81 -21.99 -6.46
N ARG B 239 31.65 -21.10 -7.00
CA ARG B 239 32.91 -20.69 -6.38
C ARG B 239 32.93 -19.24 -5.95
N ASP B 240 31.75 -18.59 -6.00
CA ASP B 240 31.64 -17.13 -5.91
C ASP B 240 32.61 -16.42 -6.86
N GLU B 241 32.82 -16.97 -8.05
CA GLU B 241 33.78 -16.44 -9.02
C GLU B 241 33.55 -14.95 -9.37
N CYS B 242 34.55 -14.11 -9.12
CA CYS B 242 34.42 -12.63 -9.20
C CYS B 242 33.21 -12.09 -8.43
N SER B 243 32.96 -12.66 -7.26
CA SER B 243 31.82 -12.37 -6.35
C SER B 243 30.45 -12.41 -6.97
N ILE B 244 30.29 -13.32 -7.93
CA ILE B 244 29.10 -13.43 -8.74
C ILE B 244 27.87 -13.84 -7.94
N GLU B 245 28.09 -14.64 -6.89
CA GLU B 245 27.01 -15.06 -6.00
C GLU B 245 26.80 -14.17 -4.77
N SER B 246 27.53 -13.06 -4.66
CA SER B 246 27.54 -12.24 -3.45
C SER B 246 26.60 -11.05 -3.40
N GLU B 247 26.18 -10.53 -4.55
CA GLU B 247 25.23 -9.44 -4.55
C GLU B 247 24.08 -9.72 -5.52
N VAL B 248 23.34 -10.75 -5.20
CA VAL B 248 22.21 -11.13 -6.02
C VAL B 248 20.96 -10.40 -5.54
N THR B 249 20.35 -9.68 -6.46
CA THR B 249 19.31 -8.70 -6.14
C THR B 249 18.08 -8.96 -7.02
N ALA B 250 16.88 -8.93 -6.41
CA ALA B 250 15.65 -9.15 -7.15
C ALA B 250 14.41 -8.67 -6.40
N GLY B 251 13.24 -9.03 -6.92
CA GLY B 251 11.96 -8.60 -6.37
C GLY B 251 10.80 -9.23 -7.10
N ARG B 252 9.59 -9.01 -6.59
CA ARG B 252 8.38 -9.58 -7.20
C ARG B 252 7.29 -8.53 -7.37
N ILE B 253 6.38 -8.79 -8.31
CA ILE B 253 5.21 -7.93 -8.54
C ILE B 253 4.11 -8.31 -7.57
N ASN B 254 4.20 -9.56 -7.08
CA ASN B 254 3.40 -10.05 -5.97
C ASN B 254 4.35 -10.74 -4.98
N VAL C 1 -22.32 27.17 24.65
CA VAL C 1 -21.05 27.86 24.23
C VAL C 1 -21.33 29.28 23.73
N GLU C 2 -20.94 30.27 24.54
CA GLU C 2 -21.18 31.68 24.21
C GLU C 2 -20.25 32.16 23.08
N ILE C 3 -20.83 32.39 21.91
CA ILE C 3 -20.05 32.75 20.73
C ILE C 3 -19.75 34.24 20.80
N PRO C 4 -18.48 34.65 20.62
CA PRO C 4 -18.20 36.07 20.53
C PRO C 4 -18.69 36.70 19.21
N SER C 5 -19.05 37.97 19.25
CA SER C 5 -19.58 38.68 18.09
C SER C 5 -18.55 38.81 16.96
N SER C 6 -17.27 38.63 17.30
CA SER C 6 -16.20 38.48 16.32
C SER C 6 -15.08 37.61 16.87
N PHE C 7 -14.34 36.98 15.95
CA PHE C 7 -13.21 36.09 16.25
C PHE C 7 -12.24 36.09 15.05
N ASP C 8 -10.97 35.84 15.32
CA ASP C 8 -9.95 35.83 14.27
C ASP C 8 -8.90 34.81 14.72
N SER C 9 -8.65 33.81 13.89
CA SER C 9 -7.70 32.74 14.23
C SER C 9 -6.29 33.30 14.43
N ARG C 10 -5.92 34.28 13.62
CA ARG C 10 -4.56 34.88 13.66
C ARG C 10 -4.33 35.44 15.08
N LYS C 11 -5.34 36.16 15.56
CA LYS C 11 -5.36 36.72 16.92
C LYS C 11 -5.29 35.69 18.02
N LYS C 12 -6.05 34.59 17.91
CA LYS C 12 -6.07 33.56 18.98
C LYS C 12 -4.76 32.75 18.98
N TRP C 13 -4.17 32.52 17.81
CA TRP C 13 -2.96 31.69 17.64
C TRP C 13 -1.91 32.37 16.78
N PRO C 14 -1.34 33.51 17.24
CA PRO C 14 -0.36 34.27 16.43
C PRO C 14 1.00 33.61 16.17
N ARG C 15 1.43 32.68 17.02
CA ARG C 15 2.62 31.87 16.75
C ARG C 15 2.51 31.09 15.43
N CYS C 16 1.29 30.67 15.12
CA CYS C 16 0.99 29.93 13.90
C CYS C 16 0.94 30.86 12.71
N LYS C 17 2.11 31.02 12.08
CA LYS C 17 2.34 32.01 11.01
C LYS C 17 1.57 31.68 9.73
N SER C 18 1.22 30.41 9.54
CA SER C 18 0.44 29.99 8.38
C SER C 18 -0.94 30.66 8.30
N ILE C 19 -1.51 31.02 9.44
CA ILE C 19 -2.90 31.53 9.46
C ILE C 19 -2.95 32.89 8.72
N ALA C 20 -1.90 33.68 8.88
CA ALA C 20 -1.80 35.00 8.30
C ALA C 20 -1.08 35.01 6.94
N THR C 21 -0.90 33.85 6.33
CA THR C 21 -0.17 33.74 5.07
C THR C 21 -1.12 33.54 3.90
N ILE C 22 -0.98 34.44 2.93
CA ILE C 22 -1.69 34.32 1.65
C ILE C 22 -0.83 33.60 0.62
N ARG C 23 -1.43 32.60 -0.04
CA ARG C 23 -0.77 31.81 -1.09
C ARG C 23 -1.38 32.12 -2.45
N ASP C 24 -0.72 31.62 -3.49
CA ASP C 24 -1.13 31.82 -4.89
C ASP C 24 -1.16 30.49 -5.65
N GLN C 25 -2.37 30.09 -6.04
CA GLN C 25 -2.58 28.89 -6.83
C GLN C 25 -2.17 29.04 -8.29
N SER C 26 -1.90 30.28 -8.73
CA SER C 26 -1.36 30.54 -10.09
C SER C 26 -2.36 30.18 -11.20
N ARG C 27 -1.86 29.71 -12.35
CA ARG C 27 -2.70 29.41 -13.52
C ARG C 27 -3.13 27.94 -13.46
N CYS C 28 -3.96 27.65 -12.46
CA CYS C 28 -4.35 26.29 -12.14
C CYS C 28 -5.59 26.29 -11.21
N GLY C 29 -6.47 25.32 -11.41
CA GLY C 29 -7.72 25.22 -10.62
C GLY C 29 -7.56 24.32 -9.41
N SER C 30 -6.54 24.61 -8.63
CA SER C 30 -6.20 23.84 -7.46
C SER C 30 -6.60 24.59 -6.18
N CYS C 31 -7.69 25.36 -6.23
CA CYS C 31 -8.20 26.09 -5.07
C CYS C 31 -8.59 25.16 -3.93
N TRP C 32 -9.23 24.06 -4.31
CA TRP C 32 -9.56 22.93 -3.43
C TRP C 32 -8.33 22.44 -2.62
N ALA C 33 -7.17 22.39 -3.30
CA ALA C 33 -5.94 21.90 -2.67
C ALA C 33 -5.30 22.96 -1.77
N PHE C 34 -5.45 24.24 -2.13
CA PHE C 34 -4.87 25.34 -1.34
C PHE C 34 -5.67 25.54 -0.05
N GLY C 35 -6.99 25.46 -0.17
CA GLY C 35 -7.89 25.62 0.97
C GLY C 35 -7.60 24.52 1.98
N ALA C 36 -7.43 23.31 1.44
CA ALA C 36 -7.08 22.10 2.17
C ALA C 36 -5.74 22.19 2.88
N VAL C 37 -4.66 22.33 2.12
CA VAL C 37 -3.32 22.36 2.74
C VAL C 37 -3.13 23.53 3.71
N GLU C 38 -3.79 24.67 3.42
CA GLU C 38 -3.72 25.86 4.28
C GLU C 38 -4.36 25.60 5.63
N ALA C 39 -5.63 25.21 5.59
CA ALA C 39 -6.36 24.83 6.79
C ALA C 39 -5.66 23.70 7.55
N MET C 40 -5.07 22.75 6.81
CA MET C 40 -4.25 21.67 7.43
C MET C 40 -3.00 22.17 8.15
N SER C 41 -2.26 23.04 7.47
CA SER C 41 -1.08 23.68 8.05
C SER C 41 -1.43 24.37 9.38
N ASP C 42 -2.41 25.27 9.31
CA ASP C 42 -2.90 26.02 10.46
C ASP C 42 -3.20 25.05 11.64
N ARG C 43 -4.04 24.06 11.36
CA ARG C 43 -4.47 23.09 12.39
C ARG C 43 -3.39 22.14 12.92
N SER C 44 -2.32 21.92 12.16
CA SER C 44 -1.15 21.17 12.65
C SER C 44 -0.41 21.95 13.70
N CYS C 45 -0.27 23.25 13.47
CA CYS C 45 0.42 24.15 14.40
C CYS C 45 -0.40 24.35 15.67
N ILE C 46 -1.69 24.66 15.48
CA ILE C 46 -2.65 24.89 16.55
C ILE C 46 -2.77 23.65 17.47
N GLN C 47 -3.11 22.51 16.87
CA GLN C 47 -3.47 21.28 17.61
C GLN C 47 -2.30 20.43 18.12
N SER C 48 -1.07 20.80 17.77
CA SER C 48 0.13 20.09 18.23
C SER C 48 0.91 20.85 19.29
N GLY C 49 0.45 22.07 19.61
CA GLY C 49 1.18 22.96 20.52
C GLY C 49 2.44 23.53 19.89
N GLY C 50 2.41 23.73 18.58
CA GLY C 50 3.57 24.24 17.84
C GLY C 50 4.65 23.20 17.64
N LYS C 51 4.31 21.92 17.89
CA LYS C 51 5.22 20.80 17.62
C LYS C 51 5.33 20.54 16.10
N GLN C 52 4.24 20.82 15.38
CA GLN C 52 4.22 20.76 13.90
C GLN C 52 3.87 22.13 13.31
N ASN C 53 4.81 23.07 13.34
CA ASN C 53 4.60 24.41 12.77
C ASN C 53 5.16 24.47 11.34
N VAL C 54 4.33 24.11 10.37
CA VAL C 54 4.81 23.87 8.99
C VAL C 54 4.00 24.59 7.90
N GLU C 55 4.54 24.57 6.68
CA GLU C 55 3.82 25.01 5.48
C GLU C 55 3.68 23.81 4.56
N LEU C 56 2.48 23.24 4.50
CA LEU C 56 2.24 21.98 3.78
C LEU C 56 2.09 22.20 2.27
N SER C 57 2.51 21.20 1.49
CA SER C 57 2.70 21.34 0.03
C SER C 57 1.39 21.33 -0.69
N ALA C 58 1.03 22.44 -1.34
CA ALA C 58 -0.12 22.46 -2.24
C ALA C 58 0.03 21.43 -3.39
N VAL C 59 1.19 21.41 -4.04
CA VAL C 59 1.43 20.54 -5.18
C VAL C 59 1.40 19.05 -4.81
N ASP C 60 1.88 18.71 -3.62
CA ASP C 60 1.86 17.31 -3.19
C ASP C 60 0.44 16.74 -3.25
N LEU C 61 -0.48 17.37 -2.51
CA LEU C 61 -1.88 16.96 -2.51
C LEU C 61 -2.52 17.07 -3.90
N LEU C 62 -2.26 18.19 -4.58
CA LEU C 62 -2.77 18.41 -5.95
C LEU C 62 -2.47 17.24 -6.88
N SER C 63 -1.18 16.88 -6.95
CA SER C 63 -0.71 15.90 -7.92
C SER C 63 -0.92 14.45 -7.50
N CYS C 64 -0.86 14.17 -6.21
CA CYS C 64 -0.77 12.79 -5.75
C CYS C 64 -2.08 12.13 -5.30
N CYS C 65 -3.11 12.93 -5.03
CA CYS C 65 -4.39 12.40 -4.59
C CYS C 65 -5.24 11.87 -5.76
N GLU C 66 -5.32 10.55 -5.85
CA GLU C 66 -6.08 9.90 -6.92
C GLU C 66 -7.59 10.07 -6.72
N SER C 67 -8.02 10.30 -5.49
CA SER C 67 -9.46 10.38 -5.15
C SER C 67 -10.03 11.82 -5.12
N CYS C 68 -9.21 12.81 -5.45
CA CYS C 68 -9.56 14.23 -5.24
C CYS C 68 -10.17 14.99 -6.43
N GLY C 69 -10.38 14.30 -7.55
CA GLY C 69 -10.96 14.91 -8.75
C GLY C 69 -9.98 15.09 -9.90
N LEU C 70 -9.95 16.30 -10.48
CA LEU C 70 -9.28 16.55 -11.75
C LEU C 70 -8.03 17.40 -11.65
N GLY C 71 -7.44 17.44 -10.45
CA GLY C 71 -6.21 18.23 -10.22
C GLY C 71 -6.39 19.72 -10.51
N CYS C 72 -5.66 20.23 -11.50
CA CYS C 72 -5.75 21.65 -11.89
C CYS C 72 -7.05 22.01 -12.59
N GLU C 73 -7.80 21.00 -13.00
CA GLU C 73 -9.10 21.19 -13.61
C GLU C 73 -10.26 21.21 -12.60
N GLY C 74 -9.95 21.31 -11.30
CA GLY C 74 -11.00 21.35 -10.28
C GLY C 74 -11.04 20.11 -9.43
N GLY C 75 -11.47 20.26 -8.18
CA GLY C 75 -11.33 19.19 -7.21
C GLY C 75 -12.39 19.09 -6.14
N ILE C 76 -12.22 18.05 -5.31
CA ILE C 76 -13.21 17.65 -4.31
C ILE C 76 -12.59 17.76 -2.93
N LEU C 77 -13.36 18.38 -2.03
CA LEU C 77 -12.88 18.82 -0.71
C LEU C 77 -12.72 17.63 0.26
N GLY C 78 -13.81 16.89 0.44
CA GLY C 78 -13.85 15.76 1.37
C GLY C 78 -12.67 14.81 1.21
N PRO C 79 -12.49 14.27 -0.03
CA PRO C 79 -11.39 13.38 -0.37
C PRO C 79 -9.99 13.96 -0.09
N ALA C 80 -9.83 15.27 -0.19
CA ALA C 80 -8.58 15.96 0.14
C ALA C 80 -8.20 15.73 1.60
N TRP C 81 -9.15 16.02 2.48
CA TRP C 81 -8.98 15.80 3.91
C TRP C 81 -8.91 14.30 4.26
N ASP C 82 -9.62 13.47 3.50
CA ASP C 82 -9.45 12.02 3.64
C ASP C 82 -8.00 11.63 3.32
N TYR C 83 -7.48 12.12 2.19
CA TYR C 83 -6.09 11.85 1.79
C TYR C 83 -5.12 12.28 2.89
N TRP C 84 -5.35 13.46 3.45
CA TRP C 84 -4.50 13.97 4.50
C TRP C 84 -4.44 12.98 5.68
N VAL C 85 -5.57 12.37 6.03
CA VAL C 85 -5.61 11.43 7.14
C VAL C 85 -4.84 10.18 6.75
N LYS C 86 -5.21 9.62 5.61
CA LYS C 86 -4.66 8.34 5.14
C LYS C 86 -3.18 8.40 4.77
N GLU C 87 -2.83 9.26 3.82
CA GLU C 87 -1.46 9.34 3.27
C GLU C 87 -0.62 10.46 3.87
N GLY C 88 -1.29 11.53 4.26
CA GLY C 88 -0.61 12.71 4.79
C GLY C 88 -0.16 13.58 3.65
N ILE C 89 0.53 14.67 3.97
CA ILE C 89 0.99 15.61 2.96
C ILE C 89 2.35 16.10 3.42
N VAL C 90 3.29 16.26 2.48
CA VAL C 90 4.64 16.73 2.80
C VAL C 90 4.67 18.26 2.89
N THR C 91 5.82 18.83 3.25
CA THR C 91 5.98 20.29 3.30
C THR C 91 6.28 20.83 1.92
N GLY C 92 6.02 22.10 1.72
CA GLY C 92 6.37 22.71 0.44
C GLY C 92 5.81 24.11 0.37
N SER C 93 6.67 25.06 0.03
CA SER C 93 6.33 26.46 0.11
C SER C 93 5.96 26.96 -1.27
N SER C 94 5.74 28.27 -1.37
CA SER C 94 5.57 28.93 -2.66
C SER C 94 6.76 28.68 -3.57
N LYS C 95 6.58 28.99 -4.85
CA LYS C 95 7.63 28.85 -5.86
C LYS C 95 8.79 29.78 -5.55
N GLU C 96 8.45 31.05 -5.33
CA GLU C 96 9.38 32.13 -5.04
C GLU C 96 10.22 31.82 -3.79
N ASN C 97 9.61 31.20 -2.78
CA ASN C 97 10.34 30.85 -1.57
C ASN C 97 11.08 29.54 -1.64
N HIS C 98 10.76 28.72 -2.65
CA HIS C 98 11.42 27.42 -2.90
C HIS C 98 12.00 26.79 -1.62
N ALA C 99 11.11 26.58 -0.66
CA ALA C 99 11.43 25.93 0.60
C ALA C 99 10.64 24.62 0.72
N GLY C 100 11.10 23.75 1.62
CA GLY C 100 10.40 22.51 1.93
C GLY C 100 10.65 21.38 0.94
N CYS C 101 9.98 20.26 1.18
CA CYS C 101 10.07 19.06 0.33
C CYS C 101 9.69 19.36 -1.12
N GLU C 102 8.41 19.67 -1.35
CA GLU C 102 7.89 19.86 -2.70
C GLU C 102 7.20 21.20 -2.85
N PRO C 103 7.97 22.26 -3.17
CA PRO C 103 7.43 23.60 -3.33
C PRO C 103 6.59 23.76 -4.61
N TYR C 104 5.84 24.85 -4.70
CA TYR C 104 4.87 24.99 -5.78
C TYR C 104 5.55 25.31 -7.13
N PRO C 105 5.13 24.61 -8.21
CA PRO C 105 5.79 24.75 -9.50
C PRO C 105 5.37 25.96 -10.32
N PHE C 106 4.17 26.49 -10.04
CA PHE C 106 3.60 27.61 -10.79
C PHE C 106 3.81 28.97 -10.10
N PRO C 107 4.15 30.00 -10.89
CA PRO C 107 4.44 31.35 -10.40
C PRO C 107 3.21 32.22 -10.10
N LYS C 108 3.45 33.23 -9.27
CA LYS C 108 2.41 34.15 -8.86
C LYS C 108 1.92 34.94 -10.07
N CYS C 109 0.60 35.08 -10.16
CA CYS C 109 -0.04 35.89 -11.21
C CYS C 109 -1.26 36.65 -10.66
N GLU C 110 -1.76 37.61 -11.45
CA GLU C 110 -2.91 38.42 -11.02
C GLU C 110 -4.25 37.84 -11.46
N HIS C 111 -5.07 37.46 -10.48
CA HIS C 111 -6.38 36.85 -10.72
C HIS C 111 -7.47 37.91 -10.91
N HIS C 112 -7.56 38.43 -12.14
CA HIS C 112 -8.56 39.45 -12.53
C HIS C 112 -8.44 40.70 -11.66
N THR C 113 -7.20 41.12 -11.40
CA THR C 113 -6.96 42.25 -10.53
C THR C 113 -5.67 42.94 -10.93
N LYS C 114 -5.48 44.15 -10.45
CA LYS C 114 -4.31 44.93 -10.81
C LYS C 114 -3.26 44.80 -9.74
N GLY C 115 -2.00 44.91 -10.15
CA GLY C 115 -0.88 44.80 -9.23
C GLY C 115 0.44 44.43 -9.90
N LYS C 116 1.38 43.96 -9.09
CA LYS C 116 2.78 43.82 -9.52
C LYS C 116 3.12 42.56 -10.30
N TYR C 117 2.31 41.51 -10.20
CA TYR C 117 2.56 40.26 -10.93
C TYR C 117 1.94 40.26 -12.35
N PRO C 118 2.42 39.37 -13.24
CA PRO C 118 1.78 39.24 -14.55
C PRO C 118 0.35 38.76 -14.41
N PRO C 119 -0.52 39.15 -15.35
CA PRO C 119 -1.90 38.63 -15.30
C PRO C 119 -1.92 37.12 -15.56
N CYS C 120 -2.74 36.40 -14.79
CA CYS C 120 -2.92 34.96 -14.95
C CYS C 120 -3.47 34.63 -16.34
N GLY C 121 -4.40 35.46 -16.80
CA GLY C 121 -5.10 35.20 -18.05
C GLY C 121 -6.04 34.03 -17.85
N SER C 122 -6.31 33.32 -18.93
CA SER C 122 -7.32 32.26 -18.91
C SER C 122 -6.69 30.87 -18.96
N LYS C 123 -5.43 30.79 -19.34
CA LYS C 123 -4.75 29.50 -19.47
C LYS C 123 -4.56 28.78 -18.14
N ILE C 124 -4.86 27.47 -18.17
CA ILE C 124 -4.78 26.61 -17.01
C ILE C 124 -3.67 25.62 -17.32
N TYR C 125 -2.72 25.49 -16.40
CA TYR C 125 -1.62 24.55 -16.58
C TYR C 125 -2.12 23.13 -16.41
N LYS C 126 -1.30 22.20 -16.86
CA LYS C 126 -1.54 20.79 -16.60
C LYS C 126 -1.22 20.47 -15.13
N THR C 127 -2.01 19.57 -14.57
CA THR C 127 -1.77 18.99 -13.25
C THR C 127 -0.36 18.40 -13.21
N PRO C 128 0.51 18.92 -12.32
CA PRO C 128 1.85 18.36 -12.20
C PRO C 128 1.81 16.88 -11.82
N ARG C 129 2.83 16.12 -12.26
CA ARG C 129 2.91 14.70 -11.93
C ARG C 129 3.20 14.53 -10.43
N CYS C 130 2.80 13.40 -9.89
CA CYS C 130 3.16 13.03 -8.53
C CYS C 130 4.61 12.55 -8.50
N LYS C 131 5.52 13.41 -8.04
CA LYS C 131 6.96 13.10 -8.07
C LYS C 131 7.33 12.11 -6.97
N GLN C 132 6.99 12.46 -5.73
CA GLN C 132 7.24 11.62 -4.54
C GLN C 132 8.70 11.58 -4.11
N THR C 133 9.36 12.71 -4.26
CA THR C 133 10.73 12.89 -3.82
C THR C 133 10.87 14.39 -3.54
N CYS C 134 11.56 14.74 -2.44
CA CYS C 134 11.74 16.15 -2.07
C CYS C 134 12.73 16.87 -2.98
N GLN C 135 12.70 18.20 -2.98
CA GLN C 135 13.65 19.01 -3.74
C GLN C 135 15.09 18.80 -3.23
N LYS C 136 16.03 18.72 -4.18
CA LYS C 136 17.45 18.41 -3.90
C LYS C 136 18.00 18.89 -2.55
N LYS C 137 17.78 20.16 -2.23
CA LYS C 137 18.32 20.75 -1.00
C LYS C 137 17.52 20.43 0.28
N TYR C 138 16.63 19.45 0.23
CA TYR C 138 15.78 19.16 1.37
C TYR C 138 16.14 17.82 2.00
N LYS C 139 16.50 17.86 3.27
CA LYS C 139 17.23 16.77 3.90
C LYS C 139 16.37 15.64 4.49
N THR C 140 15.04 15.78 4.42
CA THR C 140 14.16 14.73 4.93
C THR C 140 13.59 13.94 3.75
N PRO C 141 13.63 12.60 3.82
CA PRO C 141 12.97 11.79 2.79
C PRO C 141 11.46 12.03 2.70
N TYR C 142 10.97 12.03 1.46
CA TYR C 142 9.55 12.25 1.16
C TYR C 142 8.59 11.63 2.16
N THR C 143 8.67 10.32 2.37
CA THR C 143 7.72 9.61 3.24
C THR C 143 7.84 10.06 4.70
N GLN C 144 9.07 10.35 5.13
CA GLN C 144 9.31 10.83 6.49
C GLN C 144 8.68 12.22 6.72
N ASP C 145 8.68 13.04 5.66
CA ASP C 145 8.14 14.41 5.68
C ASP C 145 6.60 14.49 5.64
N LYS C 146 5.94 13.35 5.45
CA LYS C 146 4.47 13.30 5.50
C LYS C 146 3.90 13.66 6.87
N HIS C 147 2.95 14.60 6.85
CA HIS C 147 2.17 14.99 8.02
C HIS C 147 0.73 14.53 7.82
N ARG C 148 0.19 13.82 8.81
CA ARG C 148 -1.13 13.23 8.66
C ARG C 148 -2.12 13.83 9.65
N GLY C 149 -3.39 13.81 9.27
CA GLY C 149 -4.47 14.04 10.21
C GLY C 149 -4.88 12.72 10.86
N LYS C 150 -5.75 12.80 11.85
CA LYS C 150 -6.37 11.61 12.43
C LYS C 150 -7.80 11.48 11.92
N SER C 151 -8.52 12.60 11.86
CA SER C 151 -9.91 12.59 11.40
C SER C 151 -10.18 13.58 10.27
N SER C 152 -11.30 13.35 9.61
CA SER C 152 -11.71 14.11 8.44
C SER C 152 -13.22 14.10 8.42
N TYR C 153 -13.82 15.28 8.44
CA TYR C 153 -15.27 15.39 8.52
C TYR C 153 -15.80 16.63 7.83
N ASN C 154 -17.09 16.55 7.51
CA ASN C 154 -17.87 17.70 7.13
C ASN C 154 -18.41 18.33 8.41
N VAL C 155 -18.55 19.64 8.36
CA VAL C 155 -19.05 20.42 9.48
C VAL C 155 -20.48 20.80 9.15
N LYS C 156 -21.32 20.83 10.16
CA LYS C 156 -22.74 21.10 10.00
C LYS C 156 -22.96 22.41 9.26
N ASN C 157 -23.99 22.46 8.42
CA ASN C 157 -24.32 23.69 7.70
C ASN C 157 -25.12 24.65 8.58
N ASP C 158 -24.47 25.08 9.65
CA ASP C 158 -25.05 25.92 10.68
C ASP C 158 -23.99 26.98 11.04
N GLU C 159 -24.36 28.27 10.98
CA GLU C 159 -23.40 29.36 11.32
C GLU C 159 -22.71 29.09 12.66
N LYS C 160 -23.50 28.73 13.67
CA LYS C 160 -23.02 28.60 15.03
C LYS C 160 -22.18 27.34 15.24
N ALA C 161 -22.50 26.27 14.53
CA ALA C 161 -21.66 25.08 14.52
C ALA C 161 -20.27 25.41 13.95
N ILE C 162 -20.28 26.18 12.86
CA ILE C 162 -19.06 26.57 12.15
C ILE C 162 -18.23 27.55 12.98
N GLN C 163 -18.90 28.46 13.68
CA GLN C 163 -18.23 29.45 14.55
C GLN C 163 -17.45 28.78 15.70
N LYS C 164 -18.05 27.76 16.33
CA LYS C 164 -17.38 27.00 17.39
C LYS C 164 -16.27 26.11 16.85
N GLU C 165 -16.53 25.47 15.71
CA GLU C 165 -15.51 24.70 15.00
C GLU C 165 -14.23 25.51 14.73
N ILE C 166 -14.38 26.70 14.15
CA ILE C 166 -13.23 27.59 13.84
C ILE C 166 -12.53 28.02 15.13
N MET C 167 -13.34 28.47 16.08
CA MET C 167 -12.89 28.95 17.39
C MET C 167 -12.15 27.89 18.24
N LYS C 168 -12.69 26.67 18.27
CA LYS C 168 -12.10 25.59 19.06
C LYS C 168 -10.95 24.90 18.29
N TYR C 169 -11.21 24.49 17.05
CA TYR C 169 -10.23 23.68 16.31
C TYR C 169 -9.40 24.40 15.21
N GLY C 170 -9.72 25.64 14.93
CA GLY C 170 -8.97 26.42 13.95
C GLY C 170 -9.66 26.50 12.60
N PRO C 171 -9.10 27.31 11.68
CA PRO C 171 -9.64 27.63 10.37
C PRO C 171 -10.06 26.40 9.61
N VAL C 172 -11.14 26.57 8.84
CA VAL C 172 -11.70 25.49 8.04
C VAL C 172 -11.63 25.77 6.55
N GLU C 173 -11.86 24.72 5.77
CA GLU C 173 -12.08 24.87 4.34
C GLU C 173 -13.57 25.05 4.05
N ALA C 174 -13.91 25.93 3.12
CA ALA C 174 -15.31 26.03 2.65
C ALA C 174 -15.42 26.16 1.12
N GLY C 175 -16.56 25.72 0.59
CA GLY C 175 -16.86 25.88 -0.81
C GLY C 175 -18.00 26.84 -1.02
N PHE C 176 -17.86 27.73 -2.00
CA PHE C 176 -18.89 28.72 -2.33
C PHE C 176 -18.98 28.97 -3.84
N THR C 177 -20.14 29.49 -4.25
CA THR C 177 -20.46 29.80 -5.66
C THR C 177 -19.87 31.12 -6.10
N VAL C 178 -19.15 31.07 -7.21
CA VAL C 178 -18.54 32.22 -7.86
C VAL C 178 -19.51 32.70 -8.93
N TYR C 179 -20.02 33.91 -8.76
CA TYR C 179 -20.76 34.63 -9.80
C TYR C 179 -19.83 35.67 -10.43
N GLU C 180 -20.18 36.10 -11.63
CA GLU C 180 -19.38 37.06 -12.37
C GLU C 180 -18.95 38.26 -11.51
N ASP C 181 -19.84 38.76 -10.66
CA ASP C 181 -19.50 39.93 -9.84
C ASP C 181 -18.38 39.68 -8.81
N PHE C 182 -18.12 38.41 -8.45
CA PHE C 182 -17.02 38.10 -7.51
C PHE C 182 -15.63 38.48 -8.05
N LEU C 183 -15.44 38.34 -9.36
CA LEU C 183 -14.15 38.63 -10.01
C LEU C 183 -13.77 40.10 -9.99
N ASN C 184 -14.73 40.96 -9.67
CA ASN C 184 -14.53 42.40 -9.53
C ASN C 184 -14.38 42.89 -8.11
N TYR C 185 -14.45 41.96 -7.16
CA TYR C 185 -14.27 42.30 -5.76
C TYR C 185 -12.95 43.04 -5.56
N LYS C 186 -13.03 44.16 -4.83
CA LYS C 186 -11.83 44.90 -4.37
C LYS C 186 -11.79 45.01 -2.85
N SER C 187 -12.94 45.25 -2.24
CA SER C 187 -13.06 45.40 -0.81
C SER C 187 -14.51 45.31 -0.38
N GLY C 188 -14.72 45.18 0.93
CA GLY C 188 -16.04 45.20 1.53
C GLY C 188 -16.54 43.82 1.92
N ILE C 189 -17.81 43.76 2.32
CA ILE C 189 -18.51 42.51 2.61
C ILE C 189 -19.19 42.05 1.31
N TYR C 190 -18.60 41.07 0.64
CA TYR C 190 -19.16 40.56 -0.59
C TYR C 190 -20.55 39.91 -0.44
N LYS C 191 -21.44 40.25 -1.36
CA LYS C 191 -22.75 39.64 -1.50
C LYS C 191 -23.07 39.62 -3.00
N HIS C 192 -23.62 38.51 -3.47
CA HIS C 192 -24.00 38.40 -4.86
C HIS C 192 -25.16 39.35 -5.15
N ILE C 193 -24.93 40.25 -6.10
CA ILE C 193 -25.94 41.18 -6.59
C ILE C 193 -26.19 40.92 -8.08
N THR C 194 -25.13 40.94 -8.88
CA THR C 194 -25.24 40.81 -10.34
C THR C 194 -24.31 39.74 -10.90
N GLY C 195 -24.74 39.09 -11.98
CA GLY C 195 -23.86 38.18 -12.72
C GLY C 195 -24.24 36.71 -12.69
N GLU C 196 -23.73 36.00 -13.68
CA GLU C 196 -24.05 34.61 -13.90
C GLU C 196 -23.10 33.70 -13.16
N THR C 197 -23.59 32.48 -12.90
CA THR C 197 -22.81 31.36 -12.37
C THR C 197 -21.58 31.07 -13.24
N LEU C 198 -20.39 31.23 -12.67
CA LEU C 198 -19.15 30.85 -13.38
C LEU C 198 -18.66 29.47 -12.93
N GLY C 199 -18.83 29.17 -11.64
CA GLY C 199 -18.28 27.97 -11.07
C GLY C 199 -18.36 27.95 -9.56
N GLY C 200 -17.47 27.16 -8.95
CA GLY C 200 -17.29 27.15 -7.49
C GLY C 200 -15.83 27.39 -7.08
N HIS C 201 -15.67 27.99 -5.89
CA HIS C 201 -14.36 28.26 -5.30
C HIS C 201 -14.24 27.69 -3.90
N ALA C 202 -13.11 27.03 -3.64
CA ALA C 202 -12.78 26.51 -2.31
C ALA C 202 -11.76 27.45 -1.66
N ILE C 203 -12.03 27.81 -0.41
CA ILE C 203 -11.29 28.81 0.32
C ILE C 203 -11.11 28.41 1.77
N ARG C 204 -10.59 29.33 2.58
CA ARG C 204 -10.26 29.09 3.96
C ARG C 204 -10.93 30.12 4.88
N ILE C 205 -11.80 29.66 5.76
CA ILE C 205 -12.51 30.55 6.68
C ILE C 205 -11.66 30.69 7.95
N ILE C 206 -11.22 31.91 8.26
CA ILE C 206 -10.31 32.09 9.39
C ILE C 206 -10.98 32.79 10.56
N GLY C 207 -12.00 33.58 10.29
CA GLY C 207 -12.90 34.00 11.35
C GLY C 207 -14.21 34.61 10.92
N TRP C 208 -14.61 35.64 11.66
CA TRP C 208 -15.86 36.33 11.40
C TRP C 208 -15.95 37.65 12.16
N GLY C 209 -16.87 38.52 11.75
CA GLY C 209 -17.06 39.81 12.39
C GLY C 209 -18.38 40.45 11.98
N VAL C 210 -18.53 41.72 12.34
CA VAL C 210 -19.72 42.50 12.01
C VAL C 210 -19.32 43.95 11.78
N GLU C 211 -19.70 44.49 10.61
CA GLU C 211 -19.30 45.84 10.21
C GLU C 211 -20.55 46.70 10.00
N ASN C 212 -20.83 47.58 10.97
CA ASN C 212 -22.08 48.36 11.02
C ASN C 212 -23.28 47.42 11.06
N LYS C 213 -23.25 46.48 12.01
CA LYS C 213 -24.31 45.47 12.23
C LYS C 213 -24.49 44.39 11.13
N ALA C 214 -23.78 44.55 10.02
CA ALA C 214 -23.85 43.61 8.90
C ALA C 214 -22.79 42.52 9.13
N PRO C 215 -23.24 41.26 9.40
CA PRO C 215 -22.28 40.20 9.75
C PRO C 215 -21.52 39.64 8.55
N TYR C 216 -20.28 39.22 8.78
CA TYR C 216 -19.47 38.60 7.74
C TYR C 216 -18.60 37.46 8.25
N TRP C 217 -18.16 36.64 7.30
CA TRP C 217 -17.08 35.68 7.52
C TRP C 217 -15.78 36.30 7.01
N LEU C 218 -14.69 36.07 7.73
CA LEU C 218 -13.35 36.48 7.32
C LEU C 218 -12.63 35.35 6.58
N ILE C 219 -12.29 35.58 5.30
CA ILE C 219 -11.80 34.48 4.43
C ILE C 219 -10.48 34.76 3.69
N ALA C 220 -9.55 33.81 3.81
CA ALA C 220 -8.32 33.83 3.06
C ALA C 220 -8.50 33.19 1.66
N ASN C 221 -8.34 34.02 0.64
CA ASN C 221 -8.38 33.53 -0.74
C ASN C 221 -6.99 33.02 -1.10
N SER C 222 -6.90 32.25 -2.18
CA SER C 222 -5.60 31.74 -2.69
C SER C 222 -5.13 32.42 -3.98
N TRP C 223 -5.41 33.72 -4.13
CA TRP C 223 -5.05 34.49 -5.34
C TRP C 223 -4.02 35.60 -5.10
N ASN C 224 -3.07 35.32 -4.20
CA ASN C 224 -2.03 36.25 -3.77
C ASN C 224 -2.55 37.50 -3.03
N GLU C 225 -1.59 38.22 -2.42
CA GLU C 225 -1.84 39.36 -1.55
C GLU C 225 -2.42 40.61 -2.23
N ASP C 226 -2.20 40.75 -3.54
CA ASP C 226 -2.71 41.90 -4.31
C ASP C 226 -4.23 41.88 -4.48
N TRP C 227 -4.81 40.70 -4.55
CA TRP C 227 -6.25 40.57 -4.73
C TRP C 227 -6.99 40.95 -3.43
N GLY C 228 -7.96 41.86 -3.58
CA GLY C 228 -8.96 42.12 -2.55
C GLY C 228 -8.40 42.87 -1.37
N GLU C 229 -8.78 42.43 -0.16
CA GLU C 229 -8.32 43.06 1.08
C GLU C 229 -7.04 42.35 1.52
N ASN C 230 -5.94 42.66 0.83
CA ASN C 230 -4.61 42.05 1.06
C ASN C 230 -4.59 40.53 1.03
N GLY C 231 -5.26 39.99 0.02
CA GLY C 231 -5.41 38.53 -0.14
C GLY C 231 -6.70 37.96 0.45
N TYR C 232 -7.29 38.66 1.43
CA TYR C 232 -8.51 38.21 2.10
C TYR C 232 -9.76 38.75 1.42
N PHE C 233 -10.89 38.25 1.88
CA PHE C 233 -12.18 38.89 1.64
C PHE C 233 -13.17 38.56 2.75
N ARG C 234 -14.23 39.33 2.72
CA ARG C 234 -15.31 39.17 3.66
C ARG C 234 -16.57 38.97 2.86
N ILE C 235 -17.44 38.13 3.39
CA ILE C 235 -18.69 37.77 2.74
C ILE C 235 -19.77 37.70 3.81
N VAL C 236 -21.01 38.01 3.40
CA VAL C 236 -22.21 37.88 4.22
C VAL C 236 -22.23 36.52 4.94
N ARG C 237 -22.48 36.56 6.24
CA ARG C 237 -22.55 35.35 7.08
C ARG C 237 -23.99 35.12 7.61
N GLY C 238 -24.40 33.86 7.66
CA GLY C 238 -25.65 33.47 8.31
C GLY C 238 -26.83 33.25 7.37
N ARG C 239 -26.73 33.78 6.15
CA ARG C 239 -27.75 33.55 5.12
C ARG C 239 -27.38 32.39 4.18
N ASP C 240 -26.23 31.77 4.39
CA ASP C 240 -25.68 30.77 3.47
C ASP C 240 -25.49 31.36 2.07
N GLU C 241 -25.06 32.61 2.05
CA GLU C 241 -24.78 33.39 0.85
C GLU C 241 -23.82 32.64 -0.05
N CYS C 242 -24.23 32.44 -1.32
CA CYS C 242 -23.45 31.70 -2.32
C CYS C 242 -23.10 30.24 -1.91
N SER C 243 -23.79 29.70 -0.90
CA SER C 243 -23.59 28.34 -0.32
C SER C 243 -22.39 28.23 0.61
N ILE C 244 -21.93 29.38 1.10
CA ILE C 244 -20.72 29.48 1.92
C ILE C 244 -20.75 28.60 3.17
N GLU C 245 -21.94 28.43 3.75
CA GLU C 245 -22.11 27.59 4.95
C GLU C 245 -22.53 26.13 4.65
N SER C 246 -22.42 25.70 3.39
CA SER C 246 -22.96 24.41 2.96
C SER C 246 -21.94 23.30 2.70
N GLU C 247 -20.69 23.65 2.40
CA GLU C 247 -19.63 22.63 2.24
C GLU C 247 -18.35 22.98 3.01
N VAL C 248 -18.55 23.17 4.31
CA VAL C 248 -17.47 23.40 5.26
C VAL C 248 -16.82 22.04 5.57
N THR C 249 -15.52 21.98 5.32
CA THR C 249 -14.73 20.74 5.36
C THR C 249 -13.50 21.00 6.22
N ALA C 250 -13.23 20.08 7.13
CA ALA C 250 -12.10 20.22 8.04
C ALA C 250 -11.71 18.86 8.60
N GLY C 251 -10.80 18.88 9.56
CA GLY C 251 -10.27 17.67 10.17
C GLY C 251 -9.40 18.01 11.37
N ARG C 252 -8.93 16.96 12.04
CA ARG C 252 -8.09 17.09 13.24
C ARG C 252 -6.92 16.10 13.25
N ILE C 253 -5.82 16.49 13.89
CA ILE C 253 -4.65 15.62 14.01
C ILE C 253 -4.79 14.66 15.20
N ASN C 254 -5.74 14.95 16.08
CA ASN C 254 -6.12 14.05 17.16
C ASN C 254 -7.63 14.11 17.43
C3 9U8 D . -19.96 -29.12 2.02
C31 9U8 D . -19.88 -17.33 1.80
C4 9U8 D . -19.75 -27.81 1.27
C5 9U8 D . -20.54 -26.67 1.96
O1 9U8 D . -17.97 -30.33 1.61
N2 9U8 D . -19.06 -22.12 5.27
C 9U8 D . -18.27 -32.67 -0.37
C1 9U8 D . -19.49 -32.44 0.50
O 9U8 D . -19.89 -31.01 0.56
C2 9U8 D . -19.15 -30.22 1.39
C7 9U8 D . -19.47 -28.94 3.44
C6 9U8 D . -20.44 -27.99 4.12
N 9U8 D . -20.37 -26.71 3.42
C8 9U8 D . -20.21 -25.51 4.07
O2 9U8 D . -20.29 -24.45 3.45
N1 9U8 D . -19.97 -25.50 5.42
C9 9U8 D . -19.92 -24.23 6.08
C10 9U8 D . -19.77 -24.34 7.60
C11 9U8 D . -20.83 -25.01 8.41
C12 9U8 D . -21.85 -24.27 9.01
C13 9U8 D . -22.83 -24.86 9.77
C14 9U8 D . -22.82 -26.25 9.98
O3 9U8 D . -23.77 -26.84 10.77
C15 9U8 D . -21.79 -27.02 9.41
C16 9U8 D . -20.82 -26.37 8.65
C17 9U8 D . -18.76 -23.41 5.50
O4 9U8 D . -17.60 -23.90 5.34
C18 9U8 D . -18.14 -21.08 4.80
C19 9U8 D . -18.54 -20.47 3.49
C20 9U8 D . -18.48 -21.52 2.39
C21 9U8 D . -19.15 -21.02 1.13
C22 9U8 D . -20.55 -20.89 1.00
C23 9U8 D . -21.13 -20.42 -0.19
C24 9U8 D . -20.31 -20.09 -1.31
C25 9U8 D . -18.92 -20.25 -1.18
C26 9U8 D . -18.36 -20.69 0.02
C27 9U8 D . -17.91 -20.01 5.88
C28 9U8 D . -19.11 -19.12 6.17
S 9U8 D . -18.87 -17.41 5.71
O5 9U8 D . -20.09 -16.76 6.25
O6 9U8 D . -17.62 -16.85 6.23
C29 9U8 D . -18.77 -17.28 3.91
N3 9U8 D . -17.56 -17.13 3.37
C33 9U8 D . -17.50 -17.06 2.01
C32 9U8 D . -18.62 -17.17 1.19
C30 9U8 D . -19.97 -17.38 3.19
C3 9U8 E . 28.58 3.97 -6.37
C31 9U8 E . 32.78 1.32 -17.37
C4 9U8 E . 29.06 4.35 -7.78
C5 9U8 E . 29.96 3.26 -8.38
O1 9U8 E . 26.89 5.67 -6.44
N2 9U8 E . 28.81 -0.34 -12.92
C 9U8 E . 26.30 7.21 -4.16
C1 9U8 E . 27.76 6.78 -4.17
O 9U8 E . 27.98 5.35 -4.50
C2 9U8 E . 27.72 5.08 -5.79
C7 9U8 E . 27.74 2.69 -6.40
C6 9U8 E . 28.54 1.59 -7.11
N 9U8 E . 29.21 1.97 -8.38
C8 9U8 E . 29.21 1.20 -9.51
O2 9U8 E . 29.92 1.44 -10.48
N1 9U8 E . 28.40 0.09 -9.49
C9 9U8 E . 28.30 -0.81 -10.59
C10 9U8 E . 27.22 -1.85 -10.26
C11 9U8 E . 27.62 -2.89 -9.27
C12 9U8 E . 28.42 -3.98 -9.66
C13 9U8 E . 28.80 -4.95 -8.73
C14 9U8 E . 28.36 -4.86 -7.39
O3 9U8 E . 28.69 -5.82 -6.51
C15 9U8 E . 27.54 -3.78 -7.02
C16 9U8 E . 27.18 -2.83 -7.96
C17 9U8 E . 28.00 -0.06 -11.88
O4 9U8 E . 27.06 0.77 -12.00
C18 9U8 E . 28.73 0.29 -14.24
C19 9U8 E . 30.00 1.03 -14.64
C20 9U8 E . 30.32 2.19 -13.69
C21 9U8 E . 31.51 2.95 -14.22
C22 9U8 E . 32.82 2.55 -13.91
C23 9U8 E . 33.93 3.27 -14.38
C24 9U8 E . 33.73 4.40 -15.20
C25 9U8 E . 32.41 4.81 -15.48
C26 9U8 E . 31.32 4.07 -15.03
C27 9U8 E . 28.35 -0.73 -15.32
C28 9U8 E . 29.48 -1.73 -15.58
S 9U8 E . 30.13 -1.68 -17.24
O5 9U8 E . 31.20 -2.70 -17.19
O6 9U8 E . 29.15 -2.02 -18.27
C29 9U8 E . 30.89 -0.10 -17.59
N3 9U8 E . 30.18 0.78 -18.29
C33 9U8 E . 30.79 1.97 -18.55
C32 9U8 E . 32.07 2.30 -18.08
C30 9U8 E . 32.18 0.10 -17.12
C ACT F . 14.63 -25.96 -18.66
O ACT F . 14.56 -26.94 -19.42
OXT ACT F . 15.70 -25.37 -18.42
CH3 ACT F . 13.37 -25.48 -18.02
C3 9U8 G . -15.03 17.84 -10.04
C31 9U8 G . -11.63 28.92 -12.82
C4 9U8 G . -14.47 18.91 -10.97
C5 9U8 G . -15.17 20.19 -10.61
O1 9U8 G . -13.19 16.39 -10.25
N2 9U8 G . -12.55 24.97 -8.17
C 9U8 G . -13.84 14.05 -11.74
C1 9U8 G . -14.78 14.14 -10.55
O 9U8 G . -15.30 15.51 -10.42
C2 9U8 G . -14.38 16.51 -10.27
C7 9U8 G . -14.70 18.15 -8.58
C6 9U8 G . -15.48 19.38 -8.23
N 9U8 G . -15.05 20.44 -9.15
C8 9U8 G . -14.63 21.67 -8.77
O2 9U8 G . -14.48 22.53 -9.63
N1 9U8 G . -14.44 21.99 -7.44
C9 9U8 G . -14.05 23.37 -7.15
C10 9U8 G . -13.94 23.67 -5.66
C11 9U8 G . -15.23 23.50 -4.98
C12 9U8 G . -16.03 24.63 -4.77
C13 9U8 G . -17.25 24.53 -4.12
C14 9U8 G . -17.68 23.26 -3.69
O3 9U8 G . -18.88 23.18 -3.07
C15 9U8 G . -16.90 22.12 -3.93
C16 9U8 G . -15.67 22.24 -4.58
C17 9U8 G . -12.64 23.73 -7.66
O4 9U8 G . -11.69 22.94 -7.58
C18 9U8 G . -11.36 25.54 -8.78
C19 9U8 G . -11.62 25.76 -10.26
C20 9U8 G . -11.47 24.45 -11.02
C21 9U8 G . -11.58 24.78 -12.48
C22 9U8 G . -12.82 25.13 -13.04
C23 9U8 G . -12.93 25.45 -14.40
C24 9U8 G . -11.78 25.43 -15.22
C25 9U8 G . -10.54 25.10 -14.68
C26 9U8 G . -10.45 24.77 -13.31
C27 9U8 G . -10.95 26.82 -8.03
C28 9U8 G . -11.95 27.96 -8.20
S 9U8 G . -11.19 29.44 -8.89
O5 9U8 G . -12.14 30.57 -8.88
O6 9U8 G . -9.93 29.72 -8.19
C29 9U8 G . -10.83 29.08 -10.60
N3 9U8 G . -9.58 28.69 -10.88
C33 9U8 G . -9.33 28.41 -12.18
C32 9U8 G . -10.33 28.51 -13.17
C30 9U8 G . -11.90 29.21 -11.50
#